data_4UDR
#
_entry.id   4UDR
#
_cell.length_a   50.820
_cell.length_b   122.500
_cell.length_c   73.270
_cell.angle_alpha   90.00
_cell.angle_beta   91.12
_cell.angle_gamma   90.00
#
_symmetry.space_group_name_H-M   'P 1 21 1'
#
loop_
_entity.id
_entity.type
_entity.pdbx_description
1 polymer 'GLUCOSE-METHANOL-CHOLINE OXIDOREDUCTASE'
2 non-polymer 'FLAVIN-ADENINE DINUCLEOTIDE'
3 non-polymer 'FORMIC ACID'
4 water water
#
_entity_poly.entity_id   1
_entity_poly.type   'polypeptide(L)'
_entity_poly.pdbx_seq_one_letter_code
;MTDTIFDYVIVGGGTAGSVLANRLSARPENRVLLIEAGIDTPENNIPPEIHDGLRPWLPRLSGDKFFWPNLTIHRAAEHP
GITREPQFYEQGRLLGGGSSVNMVVSNRGLPRDYDEWQALGADGWDWQGVLPYFIKTERDADYGDDPLHGNAGPIPIGRV
DSRHWSDFTVAATQALEAAGLPNIHDQNARFDDGYFPPAFTLKGEERFSAARGYLDASVRVRPNLSLWTESRVLKLLTTG
NAITGVSVLRGRETLQVQAREVILTAGALQSPAILLRTGIGPAADLHALGIPVLADRPGVGRNLWEHSSIGVVAPLTEQA
RADASTGKAGSRHQLGIRASSGVDPATPSDLFLHIGADPVSGLASAVFWVNKPSSTGWLKLKDADPFSYPDVDFNLLSDP
RDLGRLKAGLRLITHYFAAPSLAKYGLALALSRFAAPQPGGPLLNDLLQDEAALERYLRTNVGGVWAASGTARIGRADDS
QAVVDKAGRVYGVTGLRVADASIMPTVPTANTNLPTLMLAEKIADAILTQA
;
_entity_poly.pdbx_strand_id   A,B
#
loop_
_chem_comp.id
_chem_comp.type
_chem_comp.name
_chem_comp.formula
FAD non-polymer 'FLAVIN-ADENINE DINUCLEOTIDE' 'C27 H33 N9 O15 P2'
FMT non-polymer 'FORMIC ACID' 'C H2 O2'
#
# COMPACT_ATOMS: atom_id res chain seq x y z
N ILE A 5 -36.32 3.76 -34.97
CA ILE A 5 -35.78 2.73 -34.05
C ILE A 5 -34.65 3.42 -33.33
N PHE A 6 -34.56 3.24 -32.03
CA PHE A 6 -33.44 3.83 -31.29
C PHE A 6 -32.18 3.06 -31.46
N ASP A 7 -31.07 3.78 -31.59
CA ASP A 7 -29.77 3.12 -31.59
C ASP A 7 -29.42 2.50 -30.26
N TYR A 8 -29.74 3.24 -29.18
CA TYR A 8 -29.54 2.78 -27.83
C TYR A 8 -30.77 3.07 -26.99
N VAL A 9 -31.19 2.03 -26.28
CA VAL A 9 -32.18 2.19 -25.22
C VAL A 9 -31.48 1.83 -23.94
N ILE A 10 -31.45 2.77 -23.02
CA ILE A 10 -30.79 2.64 -21.73
C ILE A 10 -31.86 2.45 -20.64
N VAL A 11 -31.80 1.32 -19.95
CA VAL A 11 -32.78 0.98 -18.93
C VAL A 11 -32.24 1.39 -17.53
N GLY A 12 -32.83 2.43 -16.99
CA GLY A 12 -32.50 2.91 -15.68
C GLY A 12 -31.67 4.16 -15.74
N GLY A 13 -32.28 5.28 -15.36
CA GLY A 13 -31.59 6.54 -15.36
C GLY A 13 -30.94 6.91 -14.04
N GLY A 14 -30.20 5.98 -13.48
CA GLY A 14 -29.41 6.19 -12.31
C GLY A 14 -28.02 6.77 -12.61
N THR A 15 -27.08 6.41 -11.75
CA THR A 15 -25.75 6.97 -11.86
C THR A 15 -25.15 6.62 -13.20
N ALA A 16 -25.10 5.33 -13.50
CA ALA A 16 -24.56 4.85 -14.77
C ALA A 16 -25.39 5.30 -15.99
N GLY A 17 -26.71 5.14 -15.90
CA GLY A 17 -27.60 5.45 -17.06
C GLY A 17 -27.53 6.91 -17.46
N SER A 18 -27.36 7.77 -16.47
CA SER A 18 -27.20 9.25 -16.69
C SER A 18 -25.92 9.51 -17.50
N VAL A 19 -24.81 8.88 -17.16
CA VAL A 19 -23.55 9.06 -17.89
C VAL A 19 -23.70 8.57 -19.32
N LEU A 20 -24.22 7.38 -19.43
CA LEU A 20 -24.38 6.75 -20.75
C LEU A 20 -25.30 7.51 -21.67
N ALA A 21 -26.39 8.07 -21.13
CA ALA A 21 -27.29 8.82 -21.99
C ALA A 21 -26.61 10.12 -22.47
N ASN A 22 -25.84 10.73 -21.59
CA ASN A 22 -25.11 11.97 -21.98
C ASN A 22 -24.04 11.63 -23.05
N ARG A 23 -23.26 10.59 -22.84
CA ARG A 23 -22.09 10.38 -23.66
C ARG A 23 -22.50 9.84 -25.02
N LEU A 24 -23.47 8.93 -25.03
CA LEU A 24 -23.88 8.37 -26.28
C LEU A 24 -24.67 9.35 -27.13
N SER A 25 -25.42 10.24 -26.51
CA SER A 25 -26.18 11.23 -27.32
C SER A 25 -25.33 12.40 -27.77
N ALA A 26 -24.09 12.50 -27.25
CA ALA A 26 -23.20 13.56 -27.73
C ALA A 26 -22.84 13.43 -29.22
N ARG A 27 -22.99 12.23 -29.81
CA ARG A 27 -22.94 12.10 -31.26
C ARG A 27 -24.34 12.28 -31.82
N PRO A 28 -24.57 13.31 -32.67
CA PRO A 28 -25.91 13.52 -33.19
C PRO A 28 -26.53 12.36 -33.88
N GLU A 29 -25.73 11.55 -34.55
CA GLU A 29 -26.21 10.38 -35.23
C GLU A 29 -26.82 9.31 -34.34
N ASN A 30 -26.48 9.27 -33.06
CA ASN A 30 -27.04 8.23 -32.17
C ASN A 30 -28.37 8.66 -31.58
N ARG A 31 -29.42 7.89 -31.86
CA ARG A 31 -30.70 8.15 -31.30
C ARG A 31 -30.77 7.31 -30.01
N VAL A 32 -30.98 7.99 -28.90
CA VAL A 32 -30.81 7.45 -27.54
C VAL A 32 -32.07 7.74 -26.75
N LEU A 33 -32.61 6.69 -26.11
CA LEU A 33 -33.72 6.81 -25.18
C LEU A 33 -33.21 6.32 -23.84
N LEU A 34 -33.42 7.14 -22.81
CA LEU A 34 -33.13 6.75 -21.43
C LEU A 34 -34.48 6.56 -20.72
N ILE A 35 -34.67 5.39 -20.13
CA ILE A 35 -35.96 5.10 -19.43
C ILE A 35 -35.70 4.95 -17.94
N GLU A 36 -36.48 5.63 -17.11
CA GLU A 36 -36.31 5.58 -15.68
C GLU A 36 -37.67 5.41 -15.05
N ALA A 37 -37.75 4.44 -14.18
CA ALA A 37 -38.95 4.14 -13.47
C ALA A 37 -39.50 5.19 -12.51
N GLY A 38 -38.64 5.94 -11.82
CA GLY A 38 -39.08 6.96 -10.86
C GLY A 38 -39.31 8.32 -11.51
N ILE A 39 -39.52 9.27 -10.62
CA ILE A 39 -39.82 10.64 -10.96
C ILE A 39 -38.61 11.27 -11.59
N ASP A 40 -38.87 12.30 -12.38
CA ASP A 40 -37.82 13.19 -12.85
C ASP A 40 -37.40 14.12 -11.75
N THR A 41 -36.16 14.62 -11.86
CA THR A 41 -35.67 15.64 -10.97
C THR A 41 -35.18 16.88 -11.75
N PRO A 42 -36.07 17.51 -12.52
CA PRO A 42 -35.61 18.65 -13.34
C PRO A 42 -35.20 19.79 -12.42
N GLU A 43 -34.39 20.73 -12.92
CA GLU A 43 -33.95 21.86 -12.06
C GLU A 43 -35.06 22.63 -11.35
N ASN A 44 -36.19 22.81 -12.02
CA ASN A 44 -37.35 23.50 -11.40
C ASN A 44 -38.17 22.68 -10.43
N ASN A 45 -37.79 21.44 -10.17
CA ASN A 45 -38.56 20.69 -9.25
C ASN A 45 -37.76 19.50 -8.74
N ILE A 46 -36.69 19.80 -8.06
CA ILE A 46 -35.97 18.73 -7.35
C ILE A 46 -36.63 18.62 -6.01
N PRO A 47 -37.05 17.43 -5.60
CA PRO A 47 -37.68 17.41 -4.31
C PRO A 47 -36.79 17.94 -3.19
N PRO A 48 -37.36 18.63 -2.20
CA PRO A 48 -36.49 19.14 -1.14
C PRO A 48 -35.73 18.06 -0.30
N GLU A 49 -36.28 16.87 -0.13
CA GLU A 49 -35.57 15.83 0.62
C GLU A 49 -34.32 15.37 -0.08
N ILE A 50 -34.34 15.47 -1.40
CA ILE A 50 -33.20 15.15 -2.29
C ILE A 50 -32.22 16.32 -2.36
N HIS A 51 -32.78 17.49 -2.51
CA HIS A 51 -31.96 18.67 -2.79
C HIS A 51 -31.01 19.05 -1.66
N ASP A 52 -31.35 18.73 -0.42
CA ASP A 52 -30.55 19.17 0.74
C ASP A 52 -29.31 18.26 0.90
N GLY A 53 -28.19 18.77 0.37
CA GLY A 53 -26.91 18.03 0.35
C GLY A 53 -26.18 18.00 1.69
N LEU A 54 -26.55 18.94 2.56
CA LEU A 54 -25.95 19.01 3.88
C LEU A 54 -26.58 18.00 4.79
N ARG A 55 -27.76 17.46 4.43
CA ARG A 55 -28.47 16.44 5.22
C ARG A 55 -28.76 15.25 4.32
N PRO A 56 -27.69 14.61 3.81
CA PRO A 56 -27.91 13.65 2.74
C PRO A 56 -28.51 12.30 3.20
N TRP A 57 -28.75 12.16 4.48
CA TRP A 57 -29.52 11.04 5.01
C TRP A 57 -31.03 11.29 4.85
N LEU A 58 -31.41 12.52 4.55
CA LEU A 58 -32.84 12.91 4.44
C LEU A 58 -33.73 11.95 3.62
N PRO A 59 -33.28 11.51 2.44
CA PRO A 59 -34.11 10.60 1.69
C PRO A 59 -34.48 9.33 2.51
N ARG A 60 -33.60 8.86 3.41
CA ARG A 60 -33.85 7.65 4.14
C ARG A 60 -34.86 7.79 5.26
N LEU A 61 -35.15 9.04 5.64
CA LEU A 61 -36.18 9.39 6.61
C LEU A 61 -37.55 9.72 5.99
N SER A 62 -37.66 9.74 4.67
CA SER A 62 -38.92 9.97 3.98
C SER A 62 -39.53 8.58 3.58
N GLY A 63 -39.16 7.54 4.33
CA GLY A 63 -39.70 6.19 4.16
C GLY A 63 -39.38 5.67 2.78
N ASP A 64 -40.40 5.24 2.02
CA ASP A 64 -40.04 4.66 0.70
C ASP A 64 -40.31 5.53 -0.54
N LYS A 65 -40.60 6.79 -0.33
CA LYS A 65 -40.93 7.72 -1.38
C LYS A 65 -39.93 7.74 -2.54
N PHE A 66 -38.64 7.69 -2.19
CA PHE A 66 -37.60 7.82 -3.24
C PHE A 66 -36.85 6.52 -3.53
N PHE A 67 -37.42 5.40 -3.07
CA PHE A 67 -36.79 4.11 -3.20
C PHE A 67 -37.68 3.07 -3.85
N TRP A 68 -37.10 1.91 -4.18
CA TRP A 68 -37.92 0.73 -4.61
C TRP A 68 -38.65 0.22 -3.39
N PRO A 69 -39.99 0.44 -3.29
CA PRO A 69 -40.64 0.13 -2.03
C PRO A 69 -40.68 -1.36 -1.75
N ASN A 70 -40.48 -1.73 -0.48
CA ASN A 70 -40.57 -3.12 -0.02
C ASN A 70 -39.61 -4.07 -0.71
N LEU A 71 -38.47 -3.52 -1.15
CA LEU A 71 -37.38 -4.30 -1.68
C LEU A 71 -36.62 -4.84 -0.46
N THR A 72 -36.79 -6.11 -0.21
CA THR A 72 -36.19 -6.74 0.96
C THR A 72 -35.15 -7.73 0.58
N ILE A 73 -34.15 -7.88 1.44
CA ILE A 73 -32.99 -8.75 1.19
C ILE A 73 -32.67 -9.54 2.44
N HIS A 74 -31.98 -10.66 2.25
CA HIS A 74 -31.33 -11.32 3.37
C HIS A 74 -29.92 -10.84 3.47
N ARG A 75 -29.49 -10.58 4.71
CA ARG A 75 -28.26 -9.86 4.93
C ARG A 75 -27.14 -10.84 5.33
N ALA A 76 -27.10 -11.28 6.57
CA ALA A 76 -26.03 -12.08 6.98
C ALA A 76 -26.29 -13.53 6.53
N ALA A 77 -25.21 -14.29 6.27
CA ALA A 77 -25.33 -15.73 6.04
C ALA A 77 -26.13 -16.42 7.13
N GLU A 78 -26.93 -17.42 6.72
CA GLU A 78 -27.54 -18.30 7.68
C GLU A 78 -26.49 -18.89 8.61
N HIS A 79 -26.81 -18.92 9.90
CA HIS A 79 -25.92 -19.45 10.94
C HIS A 79 -26.70 -20.08 12.09
N PRO A 80 -26.19 -21.23 12.64
CA PRO A 80 -26.88 -21.96 13.69
C PRO A 80 -27.21 -21.03 14.88
N GLY A 81 -28.43 -21.08 15.42
CA GLY A 81 -28.80 -20.24 16.57
C GLY A 81 -29.16 -18.78 16.33
N ILE A 82 -29.29 -18.37 15.07
CA ILE A 82 -29.73 -17.01 14.71
C ILE A 82 -30.83 -17.15 13.67
N THR A 83 -31.95 -16.42 13.80
CA THR A 83 -33.05 -16.45 12.79
C THR A 83 -32.99 -15.13 12.07
N ARG A 84 -32.52 -15.09 10.86
CA ARG A 84 -32.44 -13.78 10.18
C ARG A 84 -33.79 -13.46 9.59
N GLU A 85 -33.99 -12.21 9.23
CA GLU A 85 -35.30 -11.76 8.72
C GLU A 85 -35.01 -10.93 7.46
N PRO A 86 -35.99 -10.79 6.52
CA PRO A 86 -35.76 -9.87 5.42
C PRO A 86 -35.56 -8.42 5.90
N GLN A 87 -34.71 -7.68 5.22
CA GLN A 87 -34.40 -6.29 5.62
C GLN A 87 -34.60 -5.40 4.40
N PHE A 88 -35.20 -4.25 4.60
CA PHE A 88 -35.40 -3.29 3.51
C PHE A 88 -34.03 -2.79 3.07
N TYR A 89 -33.80 -2.80 1.77
CA TYR A 89 -32.59 -2.33 1.18
C TYR A 89 -32.91 -1.19 0.27
N GLU A 90 -32.49 -0.01 0.68
CA GLU A 90 -32.71 1.18 -0.09
C GLU A 90 -31.95 1.20 -1.43
N GLN A 91 -32.70 1.39 -2.55
CA GLN A 91 -32.17 1.59 -3.91
C GLN A 91 -33.01 2.71 -4.51
N GLY A 92 -32.37 3.65 -5.15
CA GLY A 92 -33.06 4.85 -5.60
C GLY A 92 -34.03 4.45 -6.67
N ARG A 93 -35.19 5.08 -6.64
CA ARG A 93 -36.15 5.00 -7.75
C ARG A 93 -36.51 6.46 -8.14
N LEU A 94 -35.67 7.08 -8.96
CA LEU A 94 -35.86 8.46 -9.40
C LEU A 94 -34.68 8.76 -10.31
N LEU A 95 -34.81 9.80 -11.12
CA LEU A 95 -33.70 10.14 -11.99
C LEU A 95 -32.44 10.41 -11.13
N GLY A 96 -31.28 9.95 -11.64
CA GLY A 96 -30.04 9.93 -10.82
C GLY A 96 -29.81 8.74 -9.94
N GLY A 97 -30.86 7.94 -9.64
CA GLY A 97 -30.70 6.68 -8.97
C GLY A 97 -29.99 6.93 -7.61
N GLY A 98 -29.00 6.11 -7.33
CA GLY A 98 -28.31 6.12 -6.07
C GLY A 98 -27.72 7.48 -5.83
N SER A 99 -27.25 8.15 -6.90
CA SER A 99 -26.67 9.51 -6.70
C SER A 99 -27.66 10.55 -6.24
N SER A 100 -28.95 10.33 -6.48
CA SER A 100 -29.99 11.21 -5.92
C SER A 100 -30.38 10.95 -4.47
N VAL A 101 -30.01 9.77 -3.91
CA VAL A 101 -30.39 9.40 -2.58
C VAL A 101 -29.25 9.03 -1.63
N ASN A 102 -28.03 9.19 -2.11
CA ASN A 102 -26.90 8.70 -1.39
C ASN A 102 -26.29 9.66 -0.41
N MET A 103 -25.23 9.18 0.25
CA MET A 103 -24.54 9.97 1.25
C MET A 103 -23.48 10.93 0.74
N VAL A 104 -23.47 11.14 -0.60
CA VAL A 104 -22.69 12.14 -1.34
C VAL A 104 -21.15 12.04 -1.26
N VAL A 105 -20.61 10.94 -0.70
CA VAL A 105 -19.16 10.78 -0.75
C VAL A 105 -18.75 10.25 -2.12
N SER A 106 -17.55 10.64 -2.53
CA SER A 106 -17.06 10.37 -3.88
C SER A 106 -15.60 9.93 -3.78
N ASN A 107 -15.38 8.61 -3.74
CA ASN A 107 -14.05 8.12 -3.59
C ASN A 107 -13.79 6.96 -4.51
N ARG A 108 -12.52 6.73 -4.85
CA ARG A 108 -12.14 5.90 -5.98
C ARG A 108 -11.79 4.45 -5.62
N GLY A 109 -11.22 4.27 -4.43
CA GLY A 109 -10.65 3.04 -4.04
C GLY A 109 -9.14 3.12 -4.20
N LEU A 110 -8.54 1.99 -4.49
CA LEU A 110 -7.06 1.87 -4.51
C LEU A 110 -6.62 1.23 -5.83
N PRO A 111 -5.40 1.54 -6.28
CA PRO A 111 -4.94 0.88 -7.49
C PRO A 111 -5.11 -0.67 -7.48
N ARG A 112 -4.84 -1.29 -6.33
CA ARG A 112 -4.93 -2.72 -6.23
C ARG A 112 -6.28 -3.25 -6.61
N ASP A 113 -7.35 -2.51 -6.31
CA ASP A 113 -8.69 -2.95 -6.62
C ASP A 113 -8.81 -3.17 -8.10
N TYR A 114 -8.32 -2.24 -8.91
CA TYR A 114 -8.53 -2.30 -10.36
C TYR A 114 -7.48 -3.20 -11.04
N ASP A 115 -6.28 -3.22 -10.52
CA ASP A 115 -5.31 -4.20 -11.00
C ASP A 115 -5.85 -5.60 -10.75
N GLU A 116 -6.57 -5.81 -9.63
CA GLU A 116 -7.29 -7.02 -9.39
C GLU A 116 -8.33 -7.33 -10.49
N TRP A 117 -9.10 -6.34 -10.88
CA TRP A 117 -10.09 -6.53 -11.93
C TRP A 117 -9.42 -7.06 -13.22
N GLN A 118 -8.29 -6.49 -13.58
CA GLN A 118 -7.62 -6.98 -14.77
C GLN A 118 -7.06 -8.41 -14.57
N ALA A 119 -6.53 -8.70 -13.39
CA ALA A 119 -6.04 -10.03 -13.08
C ALA A 119 -7.11 -11.08 -13.16
N LEU A 120 -8.33 -10.71 -12.76
CA LEU A 120 -9.54 -11.55 -12.88
C LEU A 120 -10.16 -11.56 -14.25
N GLY A 121 -9.51 -10.99 -15.26
CA GLY A 121 -9.95 -11.14 -16.65
C GLY A 121 -10.61 -9.95 -17.31
N ALA A 122 -10.61 -8.78 -16.66
CA ALA A 122 -11.15 -7.55 -17.23
C ALA A 122 -10.06 -6.74 -17.88
N ASP A 123 -9.81 -7.00 -19.15
CA ASP A 123 -8.62 -6.46 -19.73
C ASP A 123 -8.78 -4.95 -19.96
N GLY A 124 -7.77 -4.20 -19.54
CA GLY A 124 -7.78 -2.76 -19.67
C GLY A 124 -8.55 -2.04 -18.57
N TRP A 125 -9.05 -2.80 -17.61
CA TRP A 125 -9.64 -2.25 -16.40
C TRP A 125 -8.72 -2.28 -15.18
N ASP A 126 -7.44 -2.38 -15.39
CA ASP A 126 -6.46 -2.12 -14.36
C ASP A 126 -6.43 -0.61 -13.97
N TRP A 127 -5.64 -0.24 -12.96
CA TRP A 127 -5.55 1.10 -12.52
C TRP A 127 -5.21 2.05 -13.65
N GLN A 128 -4.20 1.67 -14.46
CA GLN A 128 -3.81 2.55 -15.57
C GLN A 128 -4.97 2.78 -16.58
N GLY A 129 -5.77 1.75 -16.73
CA GLY A 129 -6.92 1.77 -17.64
C GLY A 129 -8.14 2.51 -17.12
N VAL A 130 -8.36 2.50 -15.80
CA VAL A 130 -9.51 3.21 -15.24
C VAL A 130 -9.21 4.70 -14.87
N LEU A 131 -7.95 5.03 -14.57
CA LEU A 131 -7.64 6.36 -14.13
C LEU A 131 -8.10 7.48 -15.07
N PRO A 132 -7.91 7.31 -16.36
CA PRO A 132 -8.38 8.42 -17.26
C PRO A 132 -9.86 8.70 -17.11
N TYR A 133 -10.63 7.64 -16.76
CA TYR A 133 -12.10 7.79 -16.61
C TYR A 133 -12.48 8.32 -15.27
N PHE A 134 -11.70 8.00 -14.23
CA PHE A 134 -11.82 8.73 -12.97
C PHE A 134 -11.50 10.19 -13.18
N ILE A 135 -10.49 10.48 -14.00
CA ILE A 135 -10.13 11.88 -14.26
C ILE A 135 -11.26 12.57 -15.08
N LYS A 136 -11.81 11.88 -16.07
CA LYS A 136 -12.84 12.47 -16.98
C LYS A 136 -14.12 12.89 -16.26
N THR A 137 -14.58 12.07 -15.32
CA THR A 137 -15.83 12.35 -14.63
C THR A 137 -15.78 13.57 -13.71
N GLU A 138 -14.61 13.87 -13.14
CA GLU A 138 -14.53 14.76 -12.00
C GLU A 138 -14.04 16.12 -12.33
N ARG A 139 -14.44 17.07 -11.50
CA ARG A 139 -13.77 18.34 -11.41
C ARG A 139 -13.43 18.49 -9.93
N ASP A 140 -12.19 18.22 -9.56
CA ASP A 140 -11.73 18.32 -8.15
C ASP A 140 -11.35 19.76 -7.76
N ALA A 141 -12.09 20.33 -6.83
CA ALA A 141 -11.94 21.73 -6.41
C ALA A 141 -10.60 21.88 -5.70
N ASP A 142 -10.10 20.82 -5.10
CA ASP A 142 -8.91 21.02 -4.24
C ASP A 142 -7.60 20.72 -5.00
N TYR A 143 -7.62 19.70 -5.82
CA TYR A 143 -6.43 19.12 -6.47
C TYR A 143 -6.60 18.90 -7.98
N GLY A 144 -7.48 19.65 -8.63
CA GLY A 144 -7.92 19.38 -10.00
C GLY A 144 -6.83 19.53 -11.10
N ASP A 145 -5.88 20.42 -10.86
CA ASP A 145 -4.77 20.66 -11.79
C ASP A 145 -3.62 19.70 -11.51
N ASP A 146 -3.76 18.83 -10.52
CA ASP A 146 -2.68 17.95 -10.24
C ASP A 146 -2.75 16.63 -11.03
N PRO A 147 -1.62 15.95 -11.13
CA PRO A 147 -1.74 14.71 -11.85
C PRO A 147 -2.67 13.77 -11.03
N LEU A 148 -3.22 12.82 -11.73
CA LEU A 148 -4.19 11.88 -11.14
C LEU A 148 -5.54 12.55 -10.92
N HIS A 149 -5.69 13.87 -11.21
CA HIS A 149 -6.97 14.51 -11.05
C HIS A 149 -7.47 15.21 -12.29
N GLY A 150 -8.78 15.42 -12.31
CA GLY A 150 -9.48 16.13 -13.35
C GLY A 150 -9.95 17.48 -12.86
N ASN A 151 -10.00 18.43 -13.78
CA ASN A 151 -10.51 19.77 -13.49
C ASN A 151 -11.60 20.21 -14.46
N ALA A 152 -12.19 19.28 -15.21
CA ALA A 152 -13.12 19.60 -16.28
C ALA A 152 -14.38 18.78 -16.33
N GLY A 153 -14.50 17.76 -15.51
CA GLY A 153 -15.61 16.83 -15.55
C GLY A 153 -16.91 17.34 -14.94
N PRO A 154 -18.02 16.63 -15.22
CA PRO A 154 -19.34 17.04 -14.74
C PRO A 154 -19.66 16.91 -13.30
N ILE A 155 -18.82 16.22 -12.55
CA ILE A 155 -19.10 15.87 -11.19
C ILE A 155 -18.10 16.59 -10.27
N PRO A 156 -18.59 17.56 -9.50
CA PRO A 156 -17.62 18.24 -8.61
C PRO A 156 -17.22 17.34 -7.47
N ILE A 157 -15.95 17.42 -7.03
CA ILE A 157 -15.49 16.65 -5.88
C ILE A 157 -14.67 17.65 -5.06
N GLY A 158 -14.99 17.72 -3.79
CA GLY A 158 -14.25 18.57 -2.86
C GLY A 158 -14.25 18.02 -1.46
N ARG A 159 -13.49 18.65 -0.55
CA ARG A 159 -13.29 18.23 0.82
C ARG A 159 -13.49 19.41 1.76
N VAL A 160 -13.77 19.17 3.01
CA VAL A 160 -13.72 20.31 3.91
C VAL A 160 -12.22 20.67 4.15
N ASP A 161 -11.98 21.96 4.43
CA ASP A 161 -10.65 22.45 4.86
C ASP A 161 -10.35 21.97 6.31
N SER A 162 -9.19 21.31 6.50
CA SER A 162 -8.66 20.95 7.84
C SER A 162 -8.95 22.01 8.89
N ARG A 163 -8.69 23.26 8.48
CA ARG A 163 -8.82 24.39 9.40
C ARG A 163 -10.24 24.62 9.90
N HIS A 164 -11.22 24.08 9.21
CA HIS A 164 -12.61 24.18 9.54
C HIS A 164 -13.18 23.05 10.41
N TRP A 165 -12.33 22.13 10.78
CA TRP A 165 -12.73 21.02 11.60
C TRP A 165 -13.14 21.48 12.98
N SER A 166 -14.14 20.77 13.52
CA SER A 166 -14.60 21.00 14.90
C SER A 166 -13.54 20.53 15.89
N ASP A 167 -13.66 21.02 17.12
CA ASP A 167 -12.71 20.62 18.10
C ASP A 167 -12.87 19.17 18.36
N PHE A 168 -14.05 18.65 18.16
CA PHE A 168 -14.25 17.20 18.37
C PHE A 168 -13.46 16.44 17.31
N THR A 169 -13.60 16.79 16.03
CA THR A 169 -12.79 16.20 14.97
C THR A 169 -11.31 16.32 15.24
N VAL A 170 -10.84 17.49 15.68
CA VAL A 170 -9.45 17.69 15.94
C VAL A 170 -9.01 16.68 17.00
N ALA A 171 -9.82 16.53 18.04
CA ALA A 171 -9.53 15.59 19.07
C ALA A 171 -9.43 14.12 18.55
N ALA A 172 -10.36 13.76 17.66
CA ALA A 172 -10.34 12.42 17.07
C ALA A 172 -9.03 12.30 16.25
N THR A 173 -8.65 13.35 15.51
CA THR A 173 -7.45 13.21 14.68
C THR A 173 -6.18 13.01 15.55
N GLN A 174 -6.14 13.65 16.70
CA GLN A 174 -5.04 13.47 17.62
C GLN A 174 -4.96 12.03 18.12
N ALA A 175 -6.13 11.45 18.35
CA ALA A 175 -6.20 10.03 18.74
C ALA A 175 -5.69 9.08 17.66
N LEU A 176 -6.06 9.35 16.40
CA LEU A 176 -5.54 8.63 15.27
C LEU A 176 -4.02 8.78 15.10
N GLU A 177 -3.52 10.00 15.26
CA GLU A 177 -2.07 10.24 15.25
C GLU A 177 -1.34 9.51 16.38
N ALA A 178 -1.92 9.48 17.57
CA ALA A 178 -1.35 8.66 18.66
C ALA A 178 -1.32 7.17 18.31
N ALA A 179 -2.26 6.67 17.46
CA ALA A 179 -2.28 5.31 16.97
C ALA A 179 -1.35 5.10 15.77
N GLY A 180 -0.67 6.14 15.32
CA GLY A 180 0.27 6.07 14.20
C GLY A 180 -0.32 6.41 12.84
N LEU A 181 -1.54 6.92 12.79
CA LEU A 181 -2.10 7.20 11.44
C LEU A 181 -1.84 8.64 11.10
N PRO A 182 -1.38 8.91 9.87
CA PRO A 182 -1.21 10.28 9.42
C PRO A 182 -2.42 10.82 8.61
N ASN A 183 -2.47 12.12 8.44
CA ASN A 183 -3.43 12.76 7.58
C ASN A 183 -2.85 12.51 6.17
N ILE A 184 -3.57 11.76 5.31
CA ILE A 184 -3.13 11.58 3.88
C ILE A 184 -3.73 12.60 2.92
N HIS A 185 -4.62 13.46 3.42
CA HIS A 185 -5.21 14.62 2.75
C HIS A 185 -6.19 14.31 1.62
N ASP A 186 -5.71 13.49 0.68
CA ASP A 186 -6.37 13.23 -0.59
C ASP A 186 -6.56 11.77 -0.78
N GLN A 187 -7.67 11.24 -0.27
CA GLN A 187 -7.92 9.81 -0.41
C GLN A 187 -8.01 9.31 -1.85
N ASN A 188 -8.20 10.23 -2.80
CA ASN A 188 -8.34 9.83 -4.22
C ASN A 188 -7.06 9.86 -5.00
N ALA A 189 -5.95 10.26 -4.39
CA ALA A 189 -4.65 10.22 -5.10
C ALA A 189 -3.51 9.83 -4.18
N ARG A 190 -3.82 9.33 -3.02
CA ARG A 190 -2.77 8.87 -2.07
C ARG A 190 -3.38 7.60 -1.45
N PHE A 191 -2.65 6.52 -1.47
CA PHE A 191 -3.25 5.23 -1.29
C PHE A 191 -2.77 4.40 -0.12
N ASP A 192 -1.99 4.96 0.78
CA ASP A 192 -1.60 4.24 2.01
C ASP A 192 -2.62 4.58 3.12
N ASP A 193 -2.49 3.90 4.24
CA ASP A 193 -3.43 4.03 5.34
C ASP A 193 -3.29 5.37 5.99
N GLY A 194 -4.40 5.84 6.56
CA GLY A 194 -4.39 7.10 7.23
C GLY A 194 -5.77 7.72 7.25
N TYR A 195 -5.84 8.93 7.79
CA TYR A 195 -7.12 9.62 7.85
C TYR A 195 -7.11 10.84 6.92
N PHE A 196 -8.29 11.43 6.71
CA PHE A 196 -8.44 12.52 5.77
C PHE A 196 -9.82 13.20 5.88
N PRO A 197 -9.94 14.43 5.36
CA PRO A 197 -11.29 14.97 5.09
C PRO A 197 -11.88 14.26 3.86
N PRO A 198 -13.05 13.63 4.03
CA PRO A 198 -13.62 12.84 2.90
C PRO A 198 -13.93 13.75 1.70
N ALA A 199 -13.68 13.26 0.49
CA ALA A 199 -14.14 13.86 -0.76
C ALA A 199 -15.62 13.56 -0.91
N PHE A 200 -16.33 14.62 -1.31
CA PHE A 200 -17.73 14.52 -1.54
C PHE A 200 -18.17 15.37 -2.68
N THR A 201 -19.43 15.17 -3.11
CA THR A 201 -19.97 15.92 -4.27
C THR A 201 -21.10 16.79 -3.77
N LEU A 202 -20.99 18.10 -3.93
CA LEU A 202 -22.05 19.05 -3.55
C LEU A 202 -21.91 20.25 -4.47
N LYS A 203 -23.02 20.97 -4.68
CA LYS A 203 -23.00 22.29 -5.33
C LYS A 203 -23.44 23.28 -4.26
N GLY A 204 -22.47 23.86 -3.58
CA GLY A 204 -22.75 24.60 -2.36
C GLY A 204 -23.39 23.69 -1.30
N GLU A 205 -24.65 23.97 -0.93
CA GLU A 205 -25.35 23.18 0.06
C GLU A 205 -26.27 22.12 -0.60
N GLU A 206 -26.26 22.10 -1.93
CA GLU A 206 -27.16 21.31 -2.73
C GLU A 206 -26.56 19.95 -3.08
N ARG A 207 -27.39 18.92 -3.00
CA ARG A 207 -27.01 17.69 -3.68
C ARG A 207 -26.75 17.95 -5.15
N PHE A 208 -25.78 17.21 -5.73
CA PHE A 208 -25.52 17.31 -7.15
C PHE A 208 -25.39 15.92 -7.75
N SER A 209 -26.55 15.33 -8.09
CA SER A 209 -26.62 13.98 -8.56
C SER A 209 -26.03 13.85 -9.98
N ALA A 210 -25.94 12.62 -10.46
CA ALA A 210 -25.54 12.38 -11.82
C ALA A 210 -26.52 12.97 -12.80
N ALA A 211 -27.80 13.06 -12.40
CA ALA A 211 -28.80 13.63 -13.30
C ALA A 211 -28.49 15.12 -13.47
N ARG A 212 -28.07 15.80 -12.43
CA ARG A 212 -27.81 17.27 -12.54
C ARG A 212 -26.52 17.45 -13.34
N GLY A 213 -25.56 16.57 -13.21
CA GLY A 213 -24.32 16.78 -13.94
C GLY A 213 -24.34 16.33 -15.38
N TYR A 214 -25.01 15.19 -15.66
CA TYR A 214 -24.98 14.58 -17.00
C TYR A 214 -26.24 14.79 -17.83
N LEU A 215 -27.32 15.20 -17.19
CA LEU A 215 -28.60 15.48 -17.84
C LEU A 215 -29.07 16.92 -17.59
N ASP A 216 -28.17 17.85 -17.85
CA ASP A 216 -28.41 19.24 -17.62
C ASP A 216 -29.31 19.81 -18.69
N ALA A 217 -29.75 21.05 -18.48
CA ALA A 217 -30.77 21.62 -19.34
C ALA A 217 -30.38 21.61 -20.82
N SER A 218 -29.11 21.74 -21.13
CA SER A 218 -28.64 21.72 -22.53
C SER A 218 -28.69 20.31 -23.10
N VAL A 219 -28.29 19.33 -22.30
CA VAL A 219 -28.28 17.94 -22.76
C VAL A 219 -29.70 17.51 -23.11
N ARG A 220 -30.62 17.90 -22.27
CA ARG A 220 -32.01 17.52 -22.40
C ARG A 220 -32.67 18.03 -23.64
N VAL A 221 -32.21 19.13 -24.21
CA VAL A 221 -32.80 19.55 -25.46
C VAL A 221 -32.12 18.98 -26.72
N ARG A 222 -31.15 18.06 -26.57
CA ARG A 222 -30.56 17.42 -27.73
C ARG A 222 -31.67 16.71 -28.49
N PRO A 223 -31.81 16.97 -29.79
CA PRO A 223 -32.98 16.37 -30.37
C PRO A 223 -32.89 14.82 -30.55
N ASN A 224 -31.69 14.23 -30.42
CA ASN A 224 -31.51 12.81 -30.57
C ASN A 224 -31.56 12.07 -29.22
N LEU A 225 -31.90 12.80 -28.14
CA LEU A 225 -31.98 12.25 -26.79
C LEU A 225 -33.44 12.29 -26.33
N SER A 226 -34.00 11.15 -26.02
CA SER A 226 -35.33 11.05 -25.42
C SER A 226 -35.21 10.51 -24.00
N LEU A 227 -36.03 11.03 -23.11
CA LEU A 227 -35.97 10.75 -21.69
C LEU A 227 -37.37 10.45 -21.23
N TRP A 228 -37.61 9.21 -20.80
CA TRP A 228 -38.88 8.83 -20.24
C TRP A 228 -38.75 8.59 -18.77
N THR A 229 -39.43 9.36 -17.95
CA THR A 229 -39.44 9.12 -16.51
C THR A 229 -40.80 8.54 -16.12
N GLU A 230 -40.90 8.03 -14.90
CA GLU A 230 -42.10 7.26 -14.46
C GLU A 230 -42.47 6.22 -15.46
N SER A 231 -41.44 5.60 -16.02
CA SER A 231 -41.60 4.60 -17.09
C SER A 231 -40.81 3.37 -16.69
N ARG A 232 -41.45 2.22 -16.60
CA ARG A 232 -40.82 0.99 -16.10
C ARG A 232 -40.67 -0.04 -17.19
N VAL A 233 -39.46 -0.43 -17.49
CA VAL A 233 -39.24 -1.48 -18.40
C VAL A 233 -39.63 -2.79 -17.73
N LEU A 234 -40.43 -3.57 -18.43
CA LEU A 234 -40.90 -4.81 -17.90
C LEU A 234 -40.11 -6.02 -18.40
N LYS A 235 -39.84 -6.07 -19.72
CA LYS A 235 -39.21 -7.22 -20.35
C LYS A 235 -38.36 -6.72 -21.50
N LEU A 236 -37.33 -7.47 -21.78
CA LEU A 236 -36.55 -7.32 -23.03
C LEU A 236 -37.27 -8.04 -24.13
N LEU A 237 -37.28 -7.43 -25.31
CA LEU A 237 -37.81 -8.06 -26.48
C LEU A 237 -36.64 -8.77 -27.17
N THR A 238 -36.93 -9.93 -27.72
CA THR A 238 -35.90 -10.67 -28.43
C THR A 238 -36.37 -11.15 -29.79
N THR A 239 -35.39 -11.44 -30.64
CA THR A 239 -35.54 -12.03 -31.98
C THR A 239 -34.33 -12.95 -32.09
N GLY A 240 -34.59 -14.27 -32.01
CA GLY A 240 -33.53 -15.25 -31.95
C GLY A 240 -32.66 -14.96 -30.75
N ASN A 241 -31.33 -14.95 -30.95
CA ASN A 241 -30.38 -14.58 -29.88
C ASN A 241 -30.01 -13.12 -29.78
N ALA A 242 -30.77 -12.26 -30.44
CA ALA A 242 -30.59 -10.81 -30.33
C ALA A 242 -31.67 -10.23 -29.40
N ILE A 243 -31.23 -9.31 -28.55
CA ILE A 243 -32.14 -8.41 -27.87
C ILE A 243 -32.45 -7.28 -28.84
N THR A 244 -33.73 -7.06 -29.06
CA THR A 244 -34.15 -6.10 -30.08
C THR A 244 -35.09 -4.97 -29.62
N GLY A 245 -35.30 -4.89 -28.31
CA GLY A 245 -36.14 -3.85 -27.73
C GLY A 245 -36.52 -4.08 -26.30
N VAL A 246 -37.47 -3.27 -25.84
CA VAL A 246 -38.03 -3.41 -24.51
C VAL A 246 -39.54 -3.27 -24.55
N SER A 247 -40.21 -3.81 -23.55
CA SER A 247 -41.61 -3.48 -23.26
C SER A 247 -41.64 -2.61 -22.04
N VAL A 248 -42.40 -1.51 -22.14
CA VAL A 248 -42.40 -0.44 -21.15
C VAL A 248 -43.81 -0.13 -20.65
N LEU A 249 -43.93 -0.03 -19.33
CA LEU A 249 -45.20 0.40 -18.67
C LEU A 249 -45.07 1.93 -18.40
N ARG A 250 -45.92 2.73 -19.05
CA ARG A 250 -45.96 4.18 -18.76
C ARG A 250 -47.38 4.49 -18.33
N GLY A 251 -47.61 4.48 -17.02
CA GLY A 251 -48.92 4.65 -16.41
C GLY A 251 -49.62 3.31 -16.43
N ARG A 252 -50.72 3.24 -17.19
CA ARG A 252 -51.44 2.01 -17.33
C ARG A 252 -51.29 1.48 -18.75
N GLU A 253 -50.48 2.16 -19.59
CA GLU A 253 -50.23 1.67 -20.95
C GLU A 253 -48.89 0.92 -21.06
N THR A 254 -48.90 -0.16 -21.83
CA THR A 254 -47.71 -0.88 -22.20
C THR A 254 -47.30 -0.59 -23.62
N LEU A 255 -46.04 -0.24 -23.78
CA LEU A 255 -45.51 0.10 -25.10
C LEU A 255 -44.36 -0.78 -25.48
N GLN A 256 -44.28 -1.13 -26.76
CA GLN A 256 -43.07 -1.77 -27.31
C GLN A 256 -42.17 -0.75 -27.94
N VAL A 257 -40.88 -0.88 -27.67
CA VAL A 257 -39.87 0.05 -28.19
C VAL A 257 -38.73 -0.79 -28.82
N GLN A 258 -38.43 -0.57 -30.08
CA GLN A 258 -37.33 -1.27 -30.75
C GLN A 258 -36.01 -0.55 -30.41
N ALA A 259 -34.94 -1.33 -30.37
CA ALA A 259 -33.60 -0.76 -30.10
C ALA A 259 -32.61 -1.61 -30.90
N ARG A 260 -31.54 -0.99 -31.38
CA ARG A 260 -30.43 -1.69 -31.97
C ARG A 260 -29.59 -2.32 -30.88
N GLU A 261 -29.43 -1.58 -29.80
CA GLU A 261 -28.76 -2.07 -28.61
C GLU A 261 -29.56 -1.60 -27.38
N VAL A 262 -29.68 -2.48 -26.41
CA VAL A 262 -30.22 -2.20 -25.10
C VAL A 262 -29.09 -2.24 -24.11
N ILE A 263 -28.99 -1.20 -23.29
CA ILE A 263 -27.95 -1.15 -22.25
C ILE A 263 -28.69 -1.15 -20.89
N LEU A 264 -28.40 -2.16 -20.06
CA LEU A 264 -29.05 -2.26 -18.76
C LEU A 264 -28.21 -1.49 -17.73
N THR A 265 -28.82 -0.48 -17.14
CA THR A 265 -28.26 0.26 -16.03
C THR A 265 -29.32 0.38 -14.93
N ALA A 266 -29.94 -0.76 -14.59
CA ALA A 266 -31.07 -0.83 -13.66
C ALA A 266 -30.68 -1.13 -12.23
N GLY A 267 -29.38 -1.14 -11.99
CA GLY A 267 -28.83 -1.32 -10.67
C GLY A 267 -28.40 -2.76 -10.46
N ALA A 268 -27.47 -2.92 -9.52
CA ALA A 268 -26.89 -4.24 -9.29
C ALA A 268 -27.83 -5.34 -8.84
N LEU A 269 -28.97 -5.00 -8.26
CA LEU A 269 -29.96 -6.01 -7.88
C LEU A 269 -30.97 -6.26 -9.00
N GLN A 270 -31.18 -5.28 -9.87
CA GLN A 270 -32.30 -5.39 -10.83
C GLN A 270 -31.84 -5.66 -12.26
N SER A 271 -30.69 -5.14 -12.67
CA SER A 271 -30.11 -5.56 -13.97
C SER A 271 -30.03 -7.09 -14.12
N PRO A 272 -29.42 -7.80 -13.14
CA PRO A 272 -29.32 -9.24 -13.35
C PRO A 272 -30.69 -9.92 -13.32
N ALA A 273 -31.69 -9.37 -12.59
CA ALA A 273 -33.03 -9.99 -12.62
C ALA A 273 -33.62 -9.85 -14.01
N ILE A 274 -33.44 -8.73 -14.66
CA ILE A 274 -33.90 -8.61 -16.05
C ILE A 274 -33.22 -9.72 -16.94
N LEU A 275 -31.92 -9.93 -16.75
CA LEU A 275 -31.18 -10.89 -17.55
C LEU A 275 -31.82 -12.29 -17.33
N LEU A 276 -32.00 -12.68 -16.07
CA LEU A 276 -32.66 -13.98 -15.72
C LEU A 276 -34.00 -14.12 -16.38
N ARG A 277 -34.82 -13.07 -16.30
CA ARG A 277 -36.16 -13.19 -16.91
C ARG A 277 -36.10 -13.28 -18.41
N THR A 278 -35.03 -12.81 -19.02
CA THR A 278 -34.84 -12.88 -20.44
C THR A 278 -34.30 -14.27 -20.87
N GLY A 279 -33.91 -15.11 -19.91
CA GLY A 279 -33.42 -16.41 -20.12
C GLY A 279 -31.90 -16.41 -20.26
N ILE A 280 -31.24 -15.38 -19.68
CA ILE A 280 -29.78 -15.35 -19.64
C ILE A 280 -29.35 -15.58 -18.20
N GLY A 281 -28.87 -16.78 -17.89
CA GLY A 281 -28.63 -17.15 -16.50
C GLY A 281 -28.34 -18.63 -16.35
N PRO A 282 -28.16 -19.09 -15.12
CA PRO A 282 -27.86 -20.51 -14.92
C PRO A 282 -28.99 -21.39 -15.46
N ALA A 283 -28.70 -22.20 -16.44
CA ALA A 283 -29.75 -22.97 -17.08
C ALA A 283 -30.61 -23.78 -16.12
N ALA A 284 -30.01 -24.39 -15.09
CA ALA A 284 -30.87 -25.19 -14.19
C ALA A 284 -31.92 -24.36 -13.40
N ASP A 285 -31.54 -23.11 -13.08
CA ASP A 285 -32.40 -22.19 -12.34
C ASP A 285 -33.50 -21.76 -13.24
N LEU A 286 -33.16 -21.52 -14.50
CA LEU A 286 -34.12 -21.04 -15.51
C LEU A 286 -35.12 -22.16 -15.85
N HIS A 287 -34.64 -23.39 -16.02
CA HIS A 287 -35.53 -24.54 -16.21
C HIS A 287 -36.49 -24.62 -15.04
N ALA A 288 -35.97 -24.41 -13.85
CA ALA A 288 -36.77 -24.61 -12.63
C ALA A 288 -38.00 -23.75 -12.66
N LEU A 289 -37.90 -22.60 -13.30
CA LEU A 289 -39.02 -21.68 -13.49
C LEU A 289 -39.75 -21.71 -14.84
N GLY A 290 -39.38 -22.63 -15.73
CA GLY A 290 -39.98 -22.65 -17.05
C GLY A 290 -39.63 -21.48 -17.94
N ILE A 291 -38.45 -20.89 -17.73
CA ILE A 291 -37.99 -19.81 -18.55
C ILE A 291 -37.06 -20.39 -19.60
N PRO A 292 -37.42 -20.27 -20.87
CA PRO A 292 -36.56 -20.73 -21.93
C PRO A 292 -35.16 -20.18 -21.84
N VAL A 293 -34.18 -21.06 -22.01
CA VAL A 293 -32.79 -20.67 -21.94
C VAL A 293 -32.35 -20.03 -23.23
N LEU A 294 -31.95 -18.75 -23.18
CA LEU A 294 -31.38 -18.11 -24.29
C LEU A 294 -29.86 -18.28 -24.33
N ALA A 295 -29.22 -18.26 -23.15
CA ALA A 295 -27.83 -18.47 -22.96
C ALA A 295 -27.65 -18.95 -21.54
N ASP A 296 -26.87 -20.02 -21.39
CA ASP A 296 -26.55 -20.58 -20.10
C ASP A 296 -25.35 -19.86 -19.55
N ARG A 297 -25.63 -18.93 -18.62
CA ARG A 297 -24.60 -18.00 -18.06
C ARG A 297 -24.67 -18.13 -16.55
N PRO A 298 -23.89 -19.05 -16.02
CA PRO A 298 -24.03 -19.37 -14.59
C PRO A 298 -23.60 -18.27 -13.63
N GLY A 299 -22.92 -17.25 -14.13
CA GLY A 299 -22.52 -16.09 -13.34
C GLY A 299 -23.59 -15.05 -13.04
N VAL A 300 -24.71 -15.09 -13.79
CA VAL A 300 -25.73 -14.09 -13.64
C VAL A 300 -26.36 -14.17 -12.26
N GLY A 301 -26.33 -13.04 -11.53
CA GLY A 301 -26.79 -12.97 -10.18
C GLY A 301 -25.83 -13.57 -9.13
N ARG A 302 -24.69 -14.09 -9.56
CA ARG A 302 -23.69 -14.56 -8.58
C ARG A 302 -22.74 -13.41 -8.30
N ASN A 303 -21.74 -13.66 -7.44
CA ASN A 303 -20.70 -12.70 -7.18
C ASN A 303 -21.19 -11.36 -6.62
N LEU A 304 -22.19 -11.41 -5.76
CA LEU A 304 -22.82 -10.22 -5.16
C LEU A 304 -21.95 -9.74 -4.04
N TRP A 305 -21.44 -8.54 -4.17
CA TRP A 305 -20.54 -7.97 -3.20
C TRP A 305 -21.26 -6.88 -2.40
N GLU A 306 -20.69 -6.50 -1.25
CA GLU A 306 -21.28 -5.53 -0.35
C GLU A 306 -20.14 -5.11 0.60
N HIS A 307 -20.35 -4.03 1.33
CA HIS A 307 -19.45 -3.69 2.44
C HIS A 307 -20.18 -3.98 3.75
N SER A 308 -19.55 -4.76 4.62
CA SER A 308 -20.22 -5.25 5.86
C SER A 308 -19.98 -4.30 7.02
N SER A 309 -21.08 -3.77 7.63
CA SER A 309 -20.99 -2.61 8.46
C SER A 309 -21.54 -2.86 9.85
N ILE A 310 -21.09 -2.02 10.78
CA ILE A 310 -21.61 -2.04 12.17
C ILE A 310 -21.41 -0.62 12.71
N GLY A 311 -22.14 -0.29 13.79
CA GLY A 311 -21.93 1.01 14.42
C GLY A 311 -21.58 0.88 15.92
N VAL A 312 -21.06 2.02 16.41
CA VAL A 312 -20.77 2.31 17.80
C VAL A 312 -21.31 3.71 18.03
N VAL A 313 -22.09 3.85 19.10
CA VAL A 313 -22.63 5.14 19.52
C VAL A 313 -22.43 5.41 21.02
N ALA A 314 -22.31 6.68 21.39
CA ALA A 314 -22.26 7.06 22.78
C ALA A 314 -23.03 8.34 22.95
N PRO A 315 -23.70 8.50 24.10
CA PRO A 315 -24.28 9.80 24.36
C PRO A 315 -23.18 10.91 24.42
N LEU A 316 -23.46 12.10 23.93
CA LEU A 316 -22.48 13.17 24.04
C LEU A 316 -22.48 13.75 25.41
N THR A 317 -21.33 13.68 26.04
CA THR A 317 -21.08 14.35 27.30
C THR A 317 -20.97 15.84 26.97
N GLU A 318 -21.04 16.70 28.00
CA GLU A 318 -21.10 18.16 27.78
C GLU A 318 -19.92 18.68 26.99
N GLN A 319 -18.72 18.26 27.38
CA GLN A 319 -17.52 18.65 26.65
C GLN A 319 -17.52 18.22 25.18
N ALA A 320 -17.85 16.94 24.95
CA ALA A 320 -17.99 16.43 23.59
C ALA A 320 -18.99 17.23 22.74
N ARG A 321 -20.16 17.48 23.30
CA ARG A 321 -21.18 18.28 22.62
C ARG A 321 -20.65 19.64 22.27
N ALA A 322 -19.98 20.30 23.23
CA ALA A 322 -19.51 21.68 22.95
C ALA A 322 -18.44 21.56 21.84
N ASP A 323 -17.59 20.54 21.93
CA ASP A 323 -16.43 20.44 21.02
C ASP A 323 -16.97 20.19 19.63
N ALA A 324 -18.08 19.46 19.56
CA ALA A 324 -18.71 19.09 18.29
C ALA A 324 -19.31 20.27 17.53
N SER A 325 -19.70 21.34 18.25
CA SER A 325 -20.35 22.48 17.62
C SER A 325 -19.42 23.54 17.05
N THR A 326 -18.10 23.40 17.10
CA THR A 326 -17.23 24.48 16.65
C THR A 326 -16.78 24.40 15.19
N GLY A 327 -17.23 23.41 14.45
CA GLY A 327 -16.73 23.35 13.06
C GLY A 327 -17.27 24.49 12.20
N LYS A 328 -16.48 24.91 11.22
CA LYS A 328 -16.77 26.06 10.39
C LYS A 328 -17.32 25.68 9.03
N ALA A 329 -17.57 24.38 8.81
CA ALA A 329 -18.10 23.92 7.51
C ALA A 329 -19.36 23.07 7.67
N GLY A 330 -20.18 23.44 8.64
CA GLY A 330 -21.52 22.91 8.73
C GLY A 330 -21.51 21.41 8.96
N SER A 331 -22.51 20.69 8.41
CA SER A 331 -22.68 19.25 8.68
C SER A 331 -22.08 18.40 7.56
N ARG A 332 -21.15 18.98 6.82
CA ARG A 332 -20.47 18.23 5.80
C ARG A 332 -19.70 17.08 6.42
N HIS A 333 -19.33 16.12 5.58
CA HIS A 333 -18.44 15.08 6.00
C HIS A 333 -17.09 15.66 6.42
N GLN A 334 -16.56 15.20 7.54
CA GLN A 334 -15.33 15.73 8.11
C GLN A 334 -14.17 14.78 8.20
N LEU A 335 -14.39 13.51 8.47
CA LEU A 335 -13.34 12.60 8.80
C LEU A 335 -13.62 11.20 8.31
N GLY A 336 -12.68 10.70 7.51
CA GLY A 336 -12.66 9.28 7.14
C GLY A 336 -11.32 8.67 7.43
N ILE A 337 -11.32 7.34 7.61
CA ILE A 337 -10.15 6.63 8.08
C ILE A 337 -10.01 5.35 7.27
N ARG A 338 -8.85 5.18 6.63
CA ARG A 338 -8.50 3.98 5.92
C ARG A 338 -7.50 3.23 6.78
N ALA A 339 -7.78 1.96 7.09
CA ALA A 339 -6.98 1.17 8.03
C ALA A 339 -6.93 -0.28 7.64
N SER A 340 -5.97 -1.01 8.26
CA SER A 340 -5.72 -2.37 7.97
C SER A 340 -6.03 -3.20 9.22
N SER A 341 -6.92 -4.16 9.09
CA SER A 341 -7.33 -5.03 10.20
C SER A 341 -6.19 -6.01 10.60
N GLY A 342 -5.33 -6.30 9.65
CA GLY A 342 -4.34 -7.36 9.83
C GLY A 342 -4.87 -8.78 9.82
N VAL A 343 -6.18 -9.02 9.60
CA VAL A 343 -6.75 -10.37 9.67
C VAL A 343 -6.16 -11.28 8.62
N ASP A 344 -6.11 -10.79 7.41
CA ASP A 344 -5.50 -11.54 6.28
C ASP A 344 -4.50 -10.52 5.69
N PRO A 345 -3.22 -10.81 5.83
CA PRO A 345 -2.24 -9.83 5.31
C PRO A 345 -2.29 -9.66 3.80
N ALA A 346 -2.91 -10.60 3.10
CA ALA A 346 -3.14 -10.43 1.66
C ALA A 346 -4.03 -9.25 1.34
N THR A 347 -4.77 -8.71 2.32
CA THR A 347 -5.65 -7.60 2.09
C THR A 347 -5.43 -6.42 3.05
N PRO A 348 -4.42 -5.62 2.79
CA PRO A 348 -4.29 -4.34 3.50
C PRO A 348 -5.46 -3.37 3.21
N SER A 349 -5.53 -2.31 4.05
CA SER A 349 -6.52 -1.22 3.91
C SER A 349 -7.93 -1.77 3.75
N ASP A 350 -8.28 -2.82 4.53
CA ASP A 350 -9.57 -3.50 4.42
C ASP A 350 -10.74 -2.90 5.26
N LEU A 351 -10.46 -1.86 6.03
CA LEU A 351 -11.40 -1.18 6.91
C LEU A 351 -11.55 0.26 6.53
N PHE A 352 -12.77 0.76 6.64
CA PHE A 352 -13.05 2.18 6.55
C PHE A 352 -13.83 2.52 7.82
N LEU A 353 -13.37 3.54 8.51
CA LEU A 353 -13.99 4.01 9.74
C LEU A 353 -14.24 5.51 9.70
N HIS A 354 -15.24 5.93 10.47
CA HIS A 354 -15.54 7.32 10.65
C HIS A 354 -15.84 7.55 12.11
N ILE A 355 -15.31 8.67 12.61
CA ILE A 355 -15.59 9.15 13.92
C ILE A 355 -16.10 10.54 13.85
N GLY A 356 -17.24 10.74 14.53
CA GLY A 356 -17.95 12.02 14.49
C GLY A 356 -18.96 12.16 15.64
N ALA A 357 -19.63 13.30 15.62
CA ALA A 357 -20.48 13.71 16.77
C ALA A 357 -21.61 14.48 16.21
N ASP A 358 -22.80 14.18 16.66
CA ASP A 358 -23.97 14.82 16.13
C ASP A 358 -24.71 15.46 17.28
N PRO A 359 -24.58 16.79 17.44
CA PRO A 359 -25.31 17.45 18.54
C PRO A 359 -26.86 17.25 18.49
N VAL A 360 -27.43 17.02 17.32
CA VAL A 360 -28.89 16.93 17.22
C VAL A 360 -29.43 15.67 17.90
N SER A 361 -28.95 14.50 17.49
CA SER A 361 -29.35 13.22 18.13
C SER A 361 -28.78 13.08 19.53
N GLY A 362 -27.74 13.86 19.78
CA GLY A 362 -26.94 13.79 21.00
C GLY A 362 -25.97 12.61 21.14
N LEU A 363 -25.45 12.17 20.00
CA LEU A 363 -24.61 11.01 19.93
C LEU A 363 -23.31 11.27 19.21
N ALA A 364 -22.29 10.67 19.82
CA ALA A 364 -21.03 10.48 19.19
C ALA A 364 -21.11 9.15 18.44
N SER A 365 -20.44 9.04 17.31
CA SER A 365 -20.45 7.76 16.60
C SER A 365 -19.09 7.40 16.04
N ALA A 366 -18.82 6.08 16.03
CA ALA A 366 -17.71 5.47 15.29
C ALA A 366 -18.39 4.36 14.48
N VAL A 367 -18.64 4.62 13.22
CA VAL A 367 -19.25 3.64 12.35
C VAL A 367 -18.09 3.16 11.47
N PHE A 368 -18.16 1.91 11.03
CA PHE A 368 -17.15 1.43 10.12
C PHE A 368 -17.67 0.24 9.32
N TRP A 369 -16.88 -0.18 8.33
CA TRP A 369 -17.21 -1.31 7.56
C TRP A 369 -16.01 -1.99 6.98
N VAL A 370 -16.23 -3.28 6.68
CA VAL A 370 -15.28 -4.03 5.88
C VAL A 370 -15.34 -3.56 4.43
N ASN A 371 -14.26 -2.88 4.01
CA ASN A 371 -14.19 -2.16 2.75
C ASN A 371 -13.56 -3.04 1.64
N LYS A 372 -12.87 -4.11 2.06
CA LYS A 372 -12.45 -5.15 1.16
C LYS A 372 -12.73 -6.52 1.73
N PRO A 373 -13.92 -7.01 1.48
CA PRO A 373 -14.35 -8.23 2.14
C PRO A 373 -13.92 -9.47 1.42
N SER A 374 -14.17 -10.60 2.07
CA SER A 374 -13.98 -11.91 1.49
C SER A 374 -15.24 -12.64 1.10
N SER A 375 -16.34 -12.36 1.79
CA SER A 375 -17.61 -13.03 1.48
C SER A 375 -18.26 -12.45 0.24
N THR A 376 -19.00 -13.29 -0.45
CA THR A 376 -19.94 -12.87 -1.50
C THR A 376 -21.24 -13.61 -1.35
N GLY A 377 -22.29 -13.09 -1.98
CA GLY A 377 -23.56 -13.78 -2.02
C GLY A 377 -24.10 -13.84 -3.43
N TRP A 378 -25.38 -13.78 -3.54
CA TRP A 378 -26.05 -14.03 -4.83
C TRP A 378 -27.48 -13.57 -4.77
N LEU A 379 -28.07 -13.53 -5.95
CA LEU A 379 -29.50 -13.34 -6.06
C LEU A 379 -30.01 -14.23 -7.16
N LYS A 380 -31.29 -14.57 -7.10
CA LYS A 380 -32.01 -15.44 -8.02
C LYS A 380 -33.43 -14.89 -8.18
N LEU A 381 -34.18 -15.37 -9.19
CA LEU A 381 -35.55 -15.00 -9.30
C LEU A 381 -36.36 -15.72 -8.24
N LYS A 382 -37.39 -15.07 -7.76
CA LYS A 382 -38.41 -15.74 -6.89
C LYS A 382 -39.39 -16.46 -7.83
N ASP A 383 -39.71 -15.79 -8.91
CA ASP A 383 -40.65 -16.30 -9.90
C ASP A 383 -40.35 -15.58 -11.18
N ALA A 384 -41.13 -15.86 -12.21
CA ALA A 384 -40.87 -15.23 -13.50
C ALA A 384 -41.53 -13.88 -13.72
N ASP A 385 -42.36 -13.41 -12.79
CA ASP A 385 -43.10 -12.19 -13.06
C ASP A 385 -42.21 -10.95 -13.14
N PRO A 386 -42.45 -10.09 -14.12
CA PRO A 386 -41.61 -8.94 -14.30
C PRO A 386 -41.66 -7.96 -13.16
N PHE A 387 -42.73 -7.95 -12.39
CA PHE A 387 -42.81 -7.07 -11.24
C PHE A 387 -42.17 -7.58 -9.96
N SER A 388 -41.84 -8.85 -9.88
CA SER A 388 -41.20 -9.36 -8.66
C SER A 388 -39.78 -8.88 -8.46
N TYR A 389 -39.42 -8.63 -7.22
CA TYR A 389 -38.02 -8.42 -6.93
C TYR A 389 -37.32 -9.76 -6.84
N PRO A 390 -35.99 -9.77 -7.01
CA PRO A 390 -35.25 -11.00 -6.86
C PRO A 390 -35.15 -11.40 -5.42
N ASP A 391 -34.87 -12.69 -5.21
CA ASP A 391 -34.51 -13.23 -3.89
C ASP A 391 -33.00 -13.00 -3.71
N VAL A 392 -32.65 -12.12 -2.79
CA VAL A 392 -31.27 -11.64 -2.59
C VAL A 392 -30.73 -12.14 -1.28
N ASP A 393 -29.56 -12.76 -1.34
CA ASP A 393 -28.83 -13.22 -0.14
C ASP A 393 -27.42 -12.71 -0.21
N PHE A 394 -27.21 -11.61 0.51
CA PHE A 394 -25.85 -11.05 0.58
C PHE A 394 -24.85 -11.99 1.22
N ASN A 395 -25.35 -12.88 2.08
CA ASN A 395 -24.50 -13.94 2.64
C ASN A 395 -23.32 -13.37 3.40
N LEU A 396 -23.57 -12.29 4.11
CA LEU A 396 -22.47 -11.62 4.84
C LEU A 396 -21.94 -12.49 5.94
N LEU A 397 -20.64 -12.42 6.11
CA LEU A 397 -19.89 -13.07 7.18
C LEU A 397 -19.89 -14.59 6.95
N SER A 398 -20.19 -15.00 5.72
CA SER A 398 -20.04 -16.41 5.33
C SER A 398 -18.53 -16.78 5.35
N ASP A 399 -17.65 -15.86 4.97
CA ASP A 399 -16.23 -16.11 5.10
C ASP A 399 -15.79 -15.58 6.46
N PRO A 400 -15.20 -16.43 7.32
CA PRO A 400 -14.91 -16.00 8.69
C PRO A 400 -13.90 -14.87 8.85
N ARG A 401 -13.09 -14.63 7.82
CA ARG A 401 -12.25 -13.45 7.84
C ARG A 401 -13.02 -12.19 8.02
N ASP A 402 -14.21 -12.06 7.40
CA ASP A 402 -15.01 -10.83 7.59
C ASP A 402 -15.50 -10.61 9.02
N LEU A 403 -15.85 -11.71 9.70
CA LEU A 403 -16.17 -11.64 11.12
C LEU A 403 -14.95 -11.19 11.92
N GLY A 404 -13.78 -11.71 11.60
CA GLY A 404 -12.55 -11.30 12.27
C GLY A 404 -12.26 -9.83 12.01
N ARG A 405 -12.56 -9.35 10.79
CA ARG A 405 -12.33 -7.92 10.50
C ARG A 405 -13.23 -6.99 11.32
N LEU A 406 -14.50 -7.37 11.49
CA LEU A 406 -15.46 -6.66 12.35
C LEU A 406 -14.95 -6.61 13.78
N LYS A 407 -14.52 -7.74 14.32
CA LYS A 407 -13.93 -7.72 15.67
C LYS A 407 -12.69 -6.84 15.75
N ALA A 408 -11.80 -6.95 14.75
CA ALA A 408 -10.64 -6.08 14.75
C ALA A 408 -11.00 -4.63 14.67
N GLY A 409 -11.97 -4.24 13.84
CA GLY A 409 -12.30 -2.82 13.81
C GLY A 409 -12.84 -2.29 15.16
N LEU A 410 -13.54 -3.16 15.87
CA LEU A 410 -14.10 -2.81 17.13
C LEU A 410 -12.97 -2.59 18.11
N ARG A 411 -11.89 -3.40 18.00
CA ARG A 411 -10.72 -3.23 18.86
C ARG A 411 -9.94 -1.99 18.51
N LEU A 412 -9.85 -1.67 17.22
CA LEU A 412 -9.29 -0.38 16.79
C LEU A 412 -10.01 0.79 17.41
N ILE A 413 -11.34 0.78 17.34
CA ILE A 413 -12.16 1.83 17.87
C ILE A 413 -11.82 2.01 19.35
N THR A 414 -11.78 0.90 20.07
CA THR A 414 -11.39 0.94 21.50
C THR A 414 -10.04 1.62 21.67
N HIS A 415 -9.09 1.28 20.82
CA HIS A 415 -7.77 1.88 20.88
C HIS A 415 -7.76 3.38 20.61
N TYR A 416 -8.44 3.81 19.57
CA TYR A 416 -8.50 5.22 19.30
C TYR A 416 -9.15 5.95 20.49
N PHE A 417 -10.25 5.45 21.02
CA PHE A 417 -10.96 6.14 22.09
C PHE A 417 -10.25 6.07 23.41
N ALA A 418 -9.27 5.20 23.53
CA ALA A 418 -8.45 5.15 24.72
C ALA A 418 -7.35 6.24 24.72
N ALA A 419 -7.06 6.84 23.57
CA ALA A 419 -6.06 7.90 23.54
C ALA A 419 -6.56 9.13 24.27
N PRO A 420 -5.62 9.91 24.84
CA PRO A 420 -6.07 11.00 25.76
C PRO A 420 -7.07 12.00 25.21
N SER A 421 -6.93 12.38 23.94
CA SER A 421 -7.73 13.44 23.37
C SER A 421 -9.19 12.99 23.17
N LEU A 422 -9.42 11.69 23.12
CA LEU A 422 -10.78 11.14 23.08
C LEU A 422 -11.21 10.62 24.44
N ALA A 423 -10.28 9.98 25.19
CA ALA A 423 -10.66 9.45 26.51
C ALA A 423 -11.18 10.57 27.41
N LYS A 424 -10.73 11.80 27.20
CA LYS A 424 -11.16 12.89 28.13
C LYS A 424 -12.65 13.11 28.06
N TYR A 425 -13.32 12.75 26.96
CA TYR A 425 -14.77 12.93 26.87
C TYR A 425 -15.59 11.96 27.74
N GLY A 426 -15.02 10.85 28.16
CA GLY A 426 -15.75 9.91 29.03
C GLY A 426 -16.94 9.22 28.39
N LEU A 427 -16.84 9.03 27.09
CA LEU A 427 -17.94 8.48 26.31
C LEU A 427 -18.08 6.95 26.53
N ALA A 428 -19.33 6.50 26.64
CA ALA A 428 -19.64 5.10 27.02
C ALA A 428 -20.16 4.48 25.73
N LEU A 429 -19.23 3.94 24.94
CA LEU A 429 -19.55 3.43 23.64
C LEU A 429 -20.37 2.11 23.71
N ALA A 430 -21.40 2.02 22.92
CA ALA A 430 -22.21 0.82 22.80
C ALA A 430 -22.41 0.49 21.33
N LEU A 431 -22.64 -0.80 21.06
CA LEU A 431 -22.96 -1.23 19.72
C LEU A 431 -24.28 -0.75 19.20
N SER A 432 -24.38 -0.71 17.88
CA SER A 432 -25.58 -0.33 17.19
C SER A 432 -25.50 -0.88 15.76
N ARG A 433 -26.66 -1.05 15.12
CA ARG A 433 -26.67 -1.24 13.69
C ARG A 433 -26.13 -0.03 13.00
N PHE A 434 -25.42 -0.25 11.89
CA PHE A 434 -24.77 0.87 11.22
C PHE A 434 -25.68 2.00 10.79
N ALA A 435 -26.79 1.67 10.13
CA ALA A 435 -27.63 2.73 9.54
C ALA A 435 -28.67 3.25 10.51
N ALA A 436 -28.81 2.59 11.66
CA ALA A 436 -29.71 3.07 12.73
C ALA A 436 -28.93 3.28 14.02
N PRO A 437 -28.26 4.45 14.16
CA PRO A 437 -27.56 4.76 15.41
C PRO A 437 -28.54 5.02 16.52
N GLN A 438 -28.65 4.08 17.45
CA GLN A 438 -29.56 4.28 18.52
C GLN A 438 -29.24 3.39 19.70
N PRO A 439 -29.81 3.73 20.87
CA PRO A 439 -29.57 2.95 22.08
C PRO A 439 -30.14 1.56 21.91
N GLY A 440 -29.80 0.67 22.80
CA GLY A 440 -30.34 -0.69 22.77
C GLY A 440 -29.29 -1.78 22.68
N GLY A 441 -28.10 -1.47 22.12
CA GLY A 441 -27.05 -2.48 22.03
C GLY A 441 -26.12 -2.43 23.21
N PRO A 442 -25.34 -3.50 23.43
CA PRO A 442 -24.53 -3.63 24.60
C PRO A 442 -23.33 -2.70 24.58
N LEU A 443 -22.77 -2.43 25.75
CA LEU A 443 -21.52 -1.69 25.84
C LEU A 443 -20.42 -2.39 25.09
N LEU A 444 -19.66 -1.63 24.34
CA LEU A 444 -18.53 -2.16 23.57
C LEU A 444 -17.51 -2.85 24.47
N ASN A 445 -17.18 -2.23 25.62
CA ASN A 445 -16.11 -2.82 26.46
C ASN A 445 -16.55 -4.12 27.07
N ASP A 446 -17.86 -4.27 27.29
CA ASP A 446 -18.43 -5.49 27.88
C ASP A 446 -18.54 -6.57 26.80
N LEU A 447 -19.10 -6.23 25.63
CA LEU A 447 -19.31 -7.20 24.57
C LEU A 447 -18.00 -7.81 24.10
N LEU A 448 -16.92 -7.04 24.09
CA LEU A 448 -15.67 -7.55 23.58
C LEU A 448 -15.09 -8.69 24.44
N GLN A 449 -15.56 -8.81 25.67
CA GLN A 449 -15.03 -9.80 26.61
C GLN A 449 -15.74 -11.12 26.40
N ASP A 450 -16.87 -11.06 25.69
CA ASP A 450 -17.79 -12.22 25.58
C ASP A 450 -17.74 -12.71 24.13
N GLU A 451 -16.85 -13.65 23.84
CA GLU A 451 -16.60 -14.02 22.46
C GLU A 451 -17.89 -14.50 21.79
N ALA A 452 -18.63 -15.38 22.46
CA ALA A 452 -19.83 -15.93 21.85
C ALA A 452 -20.92 -14.85 21.66
N ALA A 453 -21.08 -13.92 22.62
CA ALA A 453 -22.09 -12.86 22.48
C ALA A 453 -21.68 -11.88 21.39
N LEU A 454 -20.40 -11.61 21.31
CA LEU A 454 -19.90 -10.74 20.27
C LEU A 454 -20.21 -11.27 18.91
N GLU A 455 -19.89 -12.53 18.70
CA GLU A 455 -20.17 -13.12 17.37
C GLU A 455 -21.66 -13.14 17.07
N ARG A 456 -22.46 -13.57 18.03
CA ARG A 456 -23.92 -13.56 17.89
C ARG A 456 -24.42 -12.16 17.55
N TYR A 457 -23.92 -11.17 18.25
CA TYR A 457 -24.37 -9.75 17.99
C TYR A 457 -24.01 -9.35 16.57
N LEU A 458 -22.79 -9.65 16.16
CA LEU A 458 -22.32 -9.24 14.83
C LEU A 458 -23.06 -9.98 13.72
N ARG A 459 -23.27 -11.29 13.89
CA ARG A 459 -24.01 -11.99 12.84
C ARG A 459 -25.46 -11.57 12.80
N THR A 460 -26.03 -11.21 13.96
CA THR A 460 -27.40 -10.78 13.99
C THR A 460 -27.53 -9.32 13.36
N ASN A 461 -26.59 -8.48 13.66
CA ASN A 461 -26.79 -7.04 13.36
C ASN A 461 -25.96 -6.42 12.24
N VAL A 462 -25.07 -7.18 11.65
CA VAL A 462 -24.26 -6.74 10.53
C VAL A 462 -25.18 -6.08 9.47
N GLY A 463 -24.69 -5.00 8.88
CA GLY A 463 -25.41 -4.28 7.82
C GLY A 463 -24.60 -4.21 6.54
N GLY A 464 -25.08 -3.43 5.58
CA GLY A 464 -24.36 -3.17 4.34
C GLY A 464 -24.04 -1.68 4.32
N VAL A 465 -23.50 -1.21 3.23
CA VAL A 465 -23.27 0.22 2.93
C VAL A 465 -23.75 0.53 1.53
N TRP A 466 -24.86 -0.13 1.16
CA TRP A 466 -25.46 0.12 -0.18
C TRP A 466 -24.45 -0.06 -1.31
N ALA A 467 -23.55 -1.04 -1.20
CA ALA A 467 -22.49 -1.27 -2.18
C ALA A 467 -22.72 -2.51 -3.04
N ALA A 468 -23.99 -2.89 -3.20
CA ALA A 468 -24.37 -3.96 -4.10
C ALA A 468 -23.66 -3.83 -5.47
N SER A 469 -23.01 -4.89 -5.84
CA SER A 469 -22.15 -4.88 -7.05
C SER A 469 -21.82 -6.32 -7.45
N GLY A 470 -21.46 -6.51 -8.74
CA GLY A 470 -20.84 -7.75 -9.18
C GLY A 470 -21.66 -8.83 -9.80
N THR A 471 -22.97 -8.59 -9.92
CA THR A 471 -23.99 -9.55 -10.32
C THR A 471 -24.04 -9.79 -11.83
N ALA A 472 -23.28 -8.99 -12.63
CA ALA A 472 -23.17 -9.33 -14.05
C ALA A 472 -21.74 -8.96 -14.49
N ARG A 473 -20.77 -9.66 -13.90
CA ARG A 473 -19.41 -9.14 -13.91
C ARG A 473 -18.76 -9.19 -15.29
N ILE A 474 -17.88 -8.22 -15.50
CA ILE A 474 -16.87 -8.33 -16.52
C ILE A 474 -16.03 -9.56 -16.29
N GLY A 475 -15.71 -10.25 -17.37
CA GLY A 475 -14.75 -11.31 -17.21
C GLY A 475 -14.23 -11.74 -18.59
N ARG A 476 -13.31 -12.67 -18.58
CA ARG A 476 -12.61 -13.12 -19.82
C ARG A 476 -13.54 -13.88 -20.73
N ALA A 477 -13.22 -13.83 -22.01
CA ALA A 477 -14.09 -14.39 -23.05
C ALA A 477 -14.30 -15.88 -22.94
N ASP A 478 -13.41 -16.58 -22.25
CA ASP A 478 -13.49 -18.01 -22.07
C ASP A 478 -13.98 -18.46 -20.70
N ASP A 479 -14.42 -17.51 -19.87
CA ASP A 479 -14.75 -17.75 -18.46
C ASP A 479 -16.29 -17.91 -18.32
N SER A 480 -16.71 -19.13 -17.98
CA SER A 480 -18.13 -19.46 -18.00
C SER A 480 -18.84 -18.69 -16.89
N GLN A 481 -18.14 -18.14 -15.92
CA GLN A 481 -18.80 -17.37 -14.85
C GLN A 481 -18.85 -15.84 -15.11
N ALA A 482 -18.21 -15.41 -16.20
CA ALA A 482 -18.21 -14.03 -16.64
C ALA A 482 -19.60 -13.81 -17.24
N VAL A 483 -20.06 -12.58 -17.17
CA VAL A 483 -21.33 -12.18 -17.76
C VAL A 483 -21.14 -11.24 -18.92
N VAL A 484 -20.29 -10.22 -18.77
CA VAL A 484 -20.06 -9.28 -19.85
C VAL A 484 -18.59 -9.19 -20.22
N ASP A 485 -18.30 -8.76 -21.44
CA ASP A 485 -16.96 -8.48 -21.83
C ASP A 485 -16.45 -7.09 -21.40
N LYS A 486 -15.21 -6.76 -21.77
CA LYS A 486 -14.57 -5.55 -21.36
C LYS A 486 -15.31 -4.29 -21.81
N ALA A 487 -16.23 -4.39 -22.78
CA ALA A 487 -17.06 -3.30 -23.24
C ALA A 487 -18.52 -3.48 -22.81
N GLY A 488 -18.77 -4.30 -21.81
CA GLY A 488 -20.14 -4.44 -21.31
C GLY A 488 -21.05 -5.42 -22.10
N ARG A 489 -20.58 -5.99 -23.20
CA ARG A 489 -21.47 -6.84 -24.02
C ARG A 489 -21.74 -8.18 -23.36
N VAL A 490 -23.02 -8.56 -23.29
CA VAL A 490 -23.43 -9.75 -22.66
C VAL A 490 -23.11 -10.99 -23.44
N TYR A 491 -22.25 -11.83 -22.88
CA TYR A 491 -21.86 -13.08 -23.58
C TYR A 491 -23.09 -13.93 -23.86
N GLY A 492 -23.15 -14.45 -25.08
CA GLY A 492 -24.21 -15.42 -25.47
C GLY A 492 -25.33 -14.84 -26.30
N VAL A 493 -25.44 -13.51 -26.35
CA VAL A 493 -26.49 -12.85 -27.12
C VAL A 493 -25.90 -11.63 -27.78
N THR A 494 -26.69 -11.02 -28.69
CA THR A 494 -26.31 -9.78 -29.35
C THR A 494 -27.28 -8.75 -28.95
N GLY A 495 -26.86 -7.48 -29.11
CA GLY A 495 -27.75 -6.36 -28.88
C GLY A 495 -27.97 -5.99 -27.43
N LEU A 496 -27.13 -6.44 -26.50
CA LEU A 496 -27.37 -6.27 -25.10
C LEU A 496 -26.06 -6.04 -24.40
N ARG A 497 -26.05 -4.97 -23.57
CA ARG A 497 -24.94 -4.64 -22.65
C ARG A 497 -25.43 -4.46 -21.23
N VAL A 498 -24.54 -4.63 -20.23
CA VAL A 498 -24.80 -4.16 -18.89
C VAL A 498 -23.72 -3.13 -18.58
N ALA A 499 -24.06 -2.03 -17.90
CA ALA A 499 -23.05 -0.98 -17.71
C ALA A 499 -23.16 -0.22 -16.40
N ASP A 500 -23.64 -0.91 -15.38
CA ASP A 500 -23.83 -0.34 -14.06
C ASP A 500 -22.97 -1.11 -13.02
N ALA A 501 -23.24 -0.95 -11.73
CA ALA A 501 -22.36 -1.54 -10.69
C ALA A 501 -22.42 -3.05 -10.74
N SER A 502 -23.37 -3.57 -11.51
CA SER A 502 -23.43 -5.05 -11.69
C SER A 502 -22.14 -5.57 -12.26
N ILE A 503 -21.45 -4.77 -13.09
CA ILE A 503 -20.33 -5.32 -13.94
C ILE A 503 -19.01 -5.38 -13.16
N MET A 504 -18.96 -4.75 -11.98
CA MET A 504 -17.71 -4.83 -11.18
C MET A 504 -17.26 -6.26 -10.86
N PRO A 505 -16.02 -6.64 -11.28
CA PRO A 505 -15.64 -8.00 -10.90
C PRO A 505 -15.55 -8.24 -9.40
N THR A 506 -15.18 -7.21 -8.67
CA THR A 506 -15.21 -7.21 -7.21
C THR A 506 -15.58 -5.80 -6.73
N VAL A 507 -16.13 -5.70 -5.56
CA VAL A 507 -16.35 -4.40 -5.00
C VAL A 507 -14.97 -3.79 -4.69
N PRO A 508 -14.79 -2.49 -5.03
CA PRO A 508 -13.58 -1.75 -4.70
C PRO A 508 -13.55 -1.38 -3.26
N THR A 509 -12.39 -0.83 -2.83
CA THR A 509 -12.20 -0.33 -1.49
C THR A 509 -12.66 1.14 -1.47
N ALA A 510 -13.99 1.30 -1.68
CA ALA A 510 -14.55 2.57 -2.05
C ALA A 510 -16.07 2.49 -1.96
N ASN A 511 -16.69 3.59 -1.62
CA ASN A 511 -18.13 3.68 -1.82
C ASN A 511 -18.32 3.64 -3.33
N THR A 512 -19.41 3.04 -3.80
CA THR A 512 -19.48 2.63 -5.16
C THR A 512 -19.99 3.67 -6.18
N ASN A 513 -20.39 4.86 -5.78
CA ASN A 513 -20.90 5.84 -6.80
C ASN A 513 -19.81 6.32 -7.81
N LEU A 514 -18.67 6.73 -7.27
CA LEU A 514 -17.62 7.25 -8.15
C LEU A 514 -17.05 6.14 -9.03
N PRO A 515 -16.83 4.93 -8.48
CA PRO A 515 -16.42 3.82 -9.37
C PRO A 515 -17.50 3.52 -10.46
N THR A 516 -18.77 3.67 -10.08
CA THR A 516 -19.85 3.58 -11.08
C THR A 516 -19.84 4.61 -12.15
N LEU A 517 -19.62 5.86 -11.79
CA LEU A 517 -19.45 6.91 -12.77
C LEU A 517 -18.29 6.58 -13.75
N MET A 518 -17.15 6.23 -13.15
CA MET A 518 -16.01 5.81 -13.93
C MET A 518 -16.28 4.68 -14.92
N LEU A 519 -16.93 3.63 -14.45
CA LEU A 519 -17.14 2.47 -15.31
C LEU A 519 -18.11 2.86 -16.43
N ALA A 520 -19.06 3.72 -16.11
CA ALA A 520 -20.03 4.17 -17.11
C ALA A 520 -19.33 5.01 -18.20
N GLU A 521 -18.43 5.90 -17.80
CA GLU A 521 -17.61 6.66 -18.74
C GLU A 521 -16.74 5.74 -19.62
N LYS A 522 -16.15 4.72 -19.00
CA LYS A 522 -15.30 3.76 -19.74
C LYS A 522 -16.06 2.91 -20.72
N ILE A 523 -17.24 2.47 -20.31
CA ILE A 523 -18.11 1.72 -21.23
C ILE A 523 -18.60 2.60 -22.37
N ALA A 524 -18.93 3.83 -22.08
CA ALA A 524 -19.47 4.71 -23.10
C ALA A 524 -18.36 4.90 -24.11
N ASP A 525 -17.11 5.04 -23.64
CA ASP A 525 -15.99 5.27 -24.60
C ASP A 525 -15.80 4.04 -25.46
N ALA A 526 -15.98 2.87 -24.87
CA ALA A 526 -15.78 1.66 -25.59
C ALA A 526 -16.83 1.57 -26.66
N ILE A 527 -18.04 1.93 -26.32
CA ILE A 527 -19.15 1.89 -27.34
C ILE A 527 -18.79 2.82 -28.46
N LEU A 528 -18.39 4.04 -28.12
CA LEU A 528 -18.19 5.10 -29.11
C LEU A 528 -16.99 4.83 -30.03
N THR A 529 -15.99 4.14 -29.57
CA THR A 529 -14.81 3.85 -30.38
C THR A 529 -14.91 2.49 -31.12
N ILE B 5 39.34 -0.64 33.63
CA ILE B 5 38.17 -1.28 32.96
C ILE B 5 37.39 -0.21 32.14
N PHE B 6 36.93 -0.53 30.93
CA PHE B 6 36.01 0.35 30.19
C PHE B 6 34.64 -0.16 30.51
N ASP B 7 33.70 0.78 30.63
CA ASP B 7 32.29 0.41 30.83
C ASP B 7 31.74 -0.27 29.60
N TYR B 8 32.15 0.29 28.43
CA TYR B 8 31.71 -0.23 27.14
C TYR B 8 32.85 -0.28 26.15
N VAL B 9 33.06 -1.43 25.55
CA VAL B 9 33.93 -1.47 24.41
C VAL B 9 33.02 -1.79 23.21
N ILE B 10 33.06 -0.93 22.20
CA ILE B 10 32.28 -1.12 21.01
C ILE B 10 33.21 -1.61 19.88
N VAL B 11 32.84 -2.75 19.30
CA VAL B 11 33.65 -3.39 18.26
C VAL B 11 33.12 -3.04 16.90
N GLY B 12 33.84 -2.18 16.20
CA GLY B 12 33.45 -1.80 14.83
C GLY B 12 32.94 -0.36 14.85
N GLY B 13 33.66 0.52 14.18
CA GLY B 13 33.35 1.92 14.14
C GLY B 13 32.71 2.29 12.84
N GLY B 14 31.72 1.48 12.46
CA GLY B 14 30.91 1.65 11.27
C GLY B 14 29.68 2.51 11.53
N THR B 15 28.61 2.34 10.75
CA THR B 15 27.43 3.22 10.94
C THR B 15 26.89 3.08 12.37
N ALA B 16 26.63 1.86 12.82
CA ALA B 16 26.03 1.64 14.11
C ALA B 16 27.04 1.95 15.23
N GLY B 17 28.29 1.57 15.05
CA GLY B 17 29.29 1.77 16.12
C GLY B 17 29.56 3.26 16.37
N SER B 18 29.56 4.05 15.31
CA SER B 18 29.69 5.53 15.46
C SER B 18 28.54 6.10 16.31
N VAL B 19 27.31 5.71 16.01
CA VAL B 19 26.17 6.12 16.81
C VAL B 19 26.34 5.70 18.27
N LEU B 20 26.62 4.44 18.51
CA LEU B 20 26.76 3.93 19.89
C LEU B 20 27.87 4.63 20.66
N ALA B 21 28.99 4.89 20.02
CA ALA B 21 30.09 5.56 20.70
C ALA B 21 29.69 6.96 21.11
N ASN B 22 28.98 7.65 20.23
CA ASN B 22 28.52 9.04 20.50
C ASN B 22 27.49 9.05 21.65
N ARG B 23 26.48 8.20 21.51
CA ARG B 23 25.35 8.21 22.47
C ARG B 23 25.79 7.73 23.87
N LEU B 24 26.58 6.68 23.93
CA LEU B 24 26.99 6.14 25.21
C LEU B 24 27.99 7.05 25.95
N SER B 25 28.88 7.68 25.21
CA SER B 25 29.86 8.58 25.84
C SER B 25 29.26 9.93 26.17
N ALA B 26 28.02 10.19 25.75
CA ALA B 26 27.38 11.50 26.08
C ALA B 26 27.13 11.67 27.58
N ARG B 27 26.97 10.56 28.31
CA ARG B 27 26.96 10.52 29.78
C ARG B 27 28.39 10.36 30.31
N PRO B 28 28.91 11.38 31.02
CA PRO B 28 30.34 11.40 31.37
C PRO B 28 30.78 10.18 32.15
N GLU B 29 29.85 9.57 32.86
CA GLU B 29 30.14 8.41 33.70
C GLU B 29 30.46 7.15 32.92
N ASN B 30 30.18 7.16 31.59
CA ASN B 30 30.45 5.96 30.78
C ASN B 30 31.77 6.06 30.09
N ARG B 31 32.70 5.18 30.46
CA ARG B 31 33.99 5.16 29.84
C ARG B 31 33.90 4.21 28.68
N VAL B 32 34.03 4.78 27.48
CA VAL B 32 33.74 4.10 26.23
C VAL B 32 34.95 4.00 25.32
N LEU B 33 35.18 2.82 24.78
CA LEU B 33 36.24 2.60 23.78
C LEU B 33 35.57 2.09 22.47
N LEU B 34 35.82 2.80 21.38
CA LEU B 34 35.36 2.38 20.07
C LEU B 34 36.57 1.88 19.32
N ILE B 35 36.49 0.65 18.86
CA ILE B 35 37.60 0.06 18.15
C ILE B 35 37.21 -0.16 16.66
N GLU B 36 38.05 0.27 15.73
CA GLU B 36 37.78 0.16 14.32
C GLU B 36 39.03 -0.35 13.61
N ALA B 37 38.84 -1.43 12.89
CA ALA B 37 39.93 -2.08 12.14
C ALA B 37 40.58 -1.22 11.11
N GLY B 38 39.81 -0.41 10.38
CA GLY B 38 40.38 0.34 9.28
C GLY B 38 40.82 1.73 9.69
N ILE B 39 41.13 2.53 8.67
CA ILE B 39 41.73 3.87 8.89
C ILE B 39 40.68 4.82 9.50
N ASP B 40 41.21 5.80 10.20
CA ASP B 40 40.44 6.95 10.61
C ASP B 40 40.11 7.83 9.39
N THR B 41 39.02 8.59 9.47
CA THR B 41 38.66 9.56 8.47
C THR B 41 38.42 10.94 9.17
N PRO B 42 39.46 11.50 9.79
CA PRO B 42 39.20 12.71 10.56
C PRO B 42 39.00 13.80 9.55
N GLU B 43 38.41 14.90 10.00
CA GLU B 43 38.07 15.99 9.10
C GLU B 43 39.26 16.51 8.25
N ASN B 44 40.44 16.52 8.82
CA ASN B 44 41.63 17.02 8.08
C ASN B 44 42.21 16.04 7.02
N ASN B 45 41.64 14.83 6.91
CA ASN B 45 42.31 13.74 6.21
C ASN B 45 41.24 12.70 5.86
N ILE B 46 40.18 13.14 5.18
CA ILE B 46 39.25 12.18 4.59
C ILE B 46 39.84 11.83 3.18
N PRO B 47 40.06 10.53 2.88
CA PRO B 47 40.67 10.18 1.60
C PRO B 47 39.85 10.71 0.42
N PRO B 48 40.51 11.10 -0.68
CA PRO B 48 39.73 11.69 -1.78
C PRO B 48 38.62 10.79 -2.36
N GLU B 49 38.82 9.49 -2.35
CA GLU B 49 37.92 8.56 -2.94
C GLU B 49 36.65 8.45 -2.10
N ILE B 50 36.80 8.66 -0.80
CA ILE B 50 35.70 8.65 0.19
C ILE B 50 34.99 10.00 0.22
N HIS B 51 35.74 11.10 0.09
CA HIS B 51 35.21 12.43 0.33
C HIS B 51 34.29 12.88 -0.80
N ASP B 52 34.49 12.34 -1.99
CA ASP B 52 33.66 12.81 -3.16
C ASP B 52 32.27 12.20 -3.16
N GLY B 53 31.27 12.93 -2.71
CA GLY B 53 29.94 12.38 -2.56
C GLY B 53 29.12 12.48 -3.81
N LEU B 54 29.62 13.22 -4.81
CA LEU B 54 29.02 13.24 -6.14
C LEU B 54 29.46 12.08 -7.04
N ARG B 55 30.51 11.36 -6.61
CA ARG B 55 30.95 10.13 -7.25
C ARG B 55 30.93 9.03 -6.23
N PRO B 56 29.73 8.72 -5.70
CA PRO B 56 29.76 7.83 -4.51
C PRO B 56 30.13 6.37 -4.76
N TRP B 57 30.21 6.01 -6.04
CA TRP B 57 30.78 4.74 -6.51
C TRP B 57 32.32 4.70 -6.47
N LEU B 58 32.95 5.83 -6.22
CA LEU B 58 34.43 5.87 -6.31
C LEU B 58 35.14 4.87 -5.43
N PRO B 59 34.65 4.63 -4.21
CA PRO B 59 35.42 3.68 -3.37
C PRO B 59 35.44 2.28 -4.01
N ARG B 60 34.43 1.93 -4.78
CA ARG B 60 34.44 0.64 -5.50
C ARG B 60 35.41 0.56 -6.67
N LEU B 61 35.91 1.68 -7.15
CA LEU B 61 36.94 1.71 -8.19
C LEU B 61 38.32 1.60 -7.65
N SER B 62 38.45 1.58 -6.33
CA SER B 62 39.75 1.48 -5.71
C SER B 62 40.03 0.07 -5.23
N GLY B 63 39.32 -0.91 -5.76
CA GLY B 63 39.65 -2.29 -5.44
C GLY B 63 39.23 -2.59 -4.03
N ASP B 64 40.07 -3.31 -3.31
CA ASP B 64 39.82 -3.55 -1.93
C ASP B 64 40.40 -2.57 -0.91
N LYS B 65 40.93 -1.43 -1.38
CA LYS B 65 41.48 -0.44 -0.51
C LYS B 65 40.65 -0.04 0.75
N PHE B 66 39.35 0.19 0.56
CA PHE B 66 38.47 0.59 1.68
C PHE B 66 37.48 -0.43 2.15
N PHE B 67 37.75 -1.69 1.80
CA PHE B 67 36.87 -2.82 2.07
C PHE B 67 37.65 -3.93 2.75
N TRP B 68 36.89 -4.91 3.21
CA TRP B 68 37.46 -6.18 3.79
C TRP B 68 37.95 -6.98 2.61
N PRO B 69 39.28 -7.10 2.47
CA PRO B 69 39.73 -7.74 1.27
C PRO B 69 39.47 -9.23 1.24
N ASN B 70 39.13 -9.70 0.03
CA ASN B 70 38.98 -11.13 -0.20
C ASN B 70 37.80 -11.74 0.55
N LEU B 71 36.82 -10.91 0.89
CA LEU B 71 35.60 -11.35 1.50
C LEU B 71 34.67 -11.78 0.43
N THR B 72 34.53 -13.09 0.29
CA THR B 72 33.68 -13.67 -0.75
C THR B 72 32.46 -14.33 -0.14
N ILE B 73 31.40 -14.40 -0.95
CA ILE B 73 30.13 -14.94 -0.56
C ILE B 73 29.59 -15.84 -1.66
N HIS B 74 28.65 -16.73 -1.30
CA HIS B 74 27.79 -17.35 -2.31
C HIS B 74 26.54 -16.54 -2.40
N ARG B 75 26.07 -16.30 -3.63
CA ARG B 75 24.97 -15.37 -3.86
C ARG B 75 23.61 -16.06 -4.07
N ALA B 76 23.37 -16.64 -5.23
CA ALA B 76 22.13 -17.32 -5.48
C ALA B 76 22.13 -18.72 -4.90
N ALA B 77 20.95 -19.17 -4.45
CA ALA B 77 20.77 -20.54 -3.96
C ALA B 77 21.37 -21.53 -4.96
N GLU B 78 21.95 -22.59 -4.43
CA GLU B 78 22.38 -23.73 -5.17
C GLU B 78 21.20 -24.26 -5.92
N HIS B 79 21.39 -24.51 -7.19
CA HIS B 79 20.26 -24.87 -8.06
C HIS B 79 20.70 -25.79 -9.18
N PRO B 80 19.90 -26.83 -9.49
CA PRO B 80 20.35 -27.72 -10.57
C PRO B 80 20.63 -27.04 -11.93
N GLY B 81 21.70 -27.44 -12.61
CA GLY B 81 21.99 -26.87 -13.91
C GLY B 81 22.79 -25.57 -13.92
N ILE B 82 23.00 -24.98 -12.73
CA ILE B 82 23.83 -23.78 -12.62
C ILE B 82 24.95 -24.09 -11.64
N THR B 83 26.16 -23.68 -11.97
CA THR B 83 27.27 -23.77 -11.02
C THR B 83 27.52 -22.32 -10.61
N ARG B 84 27.43 -22.04 -9.33
CA ARG B 84 27.67 -20.66 -8.89
C ARG B 84 29.12 -20.64 -8.35
N GLU B 85 29.65 -19.43 -8.21
CA GLU B 85 31.00 -19.22 -7.72
C GLU B 85 31.07 -18.18 -6.63
N PRO B 86 32.15 -18.21 -5.86
CA PRO B 86 32.28 -17.17 -4.88
C PRO B 86 32.38 -15.79 -5.49
N GLN B 87 31.71 -14.83 -4.89
CA GLN B 87 31.80 -13.44 -5.37
C GLN B 87 32.30 -12.53 -4.30
N PHE B 88 33.13 -11.59 -4.65
CA PHE B 88 33.51 -10.54 -3.66
C PHE B 88 32.30 -9.73 -3.23
N TYR B 89 32.24 -9.47 -1.93
CA TYR B 89 31.18 -8.70 -1.32
C TYR B 89 31.73 -7.49 -0.56
N GLU B 90 31.52 -6.29 -1.07
CA GLU B 90 32.07 -5.13 -0.47
C GLU B 90 31.48 -4.89 0.96
N GLN B 91 32.34 -4.77 1.98
CA GLN B 91 31.96 -4.31 3.29
C GLN B 91 32.99 -3.29 3.71
N GLY B 92 32.58 -2.14 4.19
CA GLY B 92 33.52 -1.14 4.51
C GLY B 92 34.48 -1.50 5.59
N ARG B 93 35.72 -1.09 5.42
CA ARG B 93 36.75 -1.26 6.46
C ARG B 93 37.46 0.05 6.67
N LEU B 94 36.85 0.85 7.47
CA LEU B 94 37.29 2.24 7.79
C LEU B 94 36.27 2.88 8.73
N LEU B 95 36.65 3.97 9.37
CA LEU B 95 35.71 4.68 10.29
C LEU B 95 34.54 5.16 9.48
N GLY B 96 33.35 4.92 10.02
CA GLY B 96 32.10 5.14 9.27
C GLY B 96 31.56 3.90 8.59
N GLY B 97 32.38 2.88 8.36
CA GLY B 97 31.91 1.61 7.81
C GLY B 97 31.18 1.84 6.48
N GLY B 98 30.03 1.22 6.38
CA GLY B 98 29.16 1.33 5.19
C GLY B 98 28.93 2.74 4.79
N SER B 99 28.58 3.57 5.75
CA SER B 99 28.39 5.03 5.46
C SER B 99 29.59 5.76 4.82
N SER B 100 30.77 5.22 4.94
CA SER B 100 31.96 5.84 4.25
C SER B 100 32.13 5.37 2.84
N VAL B 101 31.46 4.27 2.44
CA VAL B 101 31.72 3.70 1.12
C VAL B 101 30.48 3.45 0.28
N ASN B 102 29.34 3.86 0.81
CA ASN B 102 28.06 3.51 0.23
C ASN B 102 27.60 4.51 -0.82
N MET B 103 26.42 4.28 -1.34
CA MET B 103 25.91 5.15 -2.45
C MET B 103 25.05 6.33 -1.97
N VAL B 104 25.11 6.62 -0.69
CA VAL B 104 24.65 7.79 -0.02
C VAL B 104 23.14 8.02 0.07
N VAL B 105 22.32 7.03 -0.34
CA VAL B 105 20.87 7.20 -0.18
C VAL B 105 20.48 6.93 1.25
N SER B 106 19.45 7.58 1.72
CA SER B 106 19.00 7.52 3.13
C SER B 106 17.48 7.44 3.17
N ASN B 107 16.98 6.21 3.25
CA ASN B 107 15.57 5.98 3.31
C ASN B 107 15.16 5.00 4.39
N ARG B 108 13.94 5.18 4.88
CA ARG B 108 13.53 4.52 6.09
C ARG B 108 12.88 3.18 5.90
N GLY B 109 12.20 2.99 4.77
CA GLY B 109 11.32 1.84 4.61
C GLY B 109 9.86 2.25 4.87
N LEU B 110 9.09 1.28 5.32
CA LEU B 110 7.62 1.42 5.44
C LEU B 110 7.14 1.07 6.84
N PRO B 111 6.07 1.73 7.33
CA PRO B 111 5.52 1.30 8.62
C PRO B 111 5.39 -0.21 8.75
N ARG B 112 4.91 -0.87 7.72
CA ARG B 112 4.70 -2.29 7.77
C ARG B 112 5.94 -3.10 8.11
N ASP B 113 7.10 -2.62 7.70
CA ASP B 113 8.35 -3.30 7.96
C ASP B 113 8.55 -3.39 9.48
N TYR B 114 8.29 -2.30 10.21
CA TYR B 114 8.63 -2.20 11.66
C TYR B 114 7.46 -2.85 12.45
N ASP B 115 6.24 -2.68 11.95
CA ASP B 115 5.09 -3.38 12.57
C ASP B 115 5.34 -4.86 12.44
N GLU B 116 6.02 -5.24 11.36
CA GLU B 116 6.40 -6.65 11.19
C GLU B 116 7.41 -7.13 12.24
N TRP B 117 8.45 -6.32 12.46
CA TRP B 117 9.44 -6.61 13.50
C TRP B 117 8.73 -6.88 14.83
N GLN B 118 7.87 -5.97 15.22
CA GLN B 118 7.17 -6.19 16.48
C GLN B 118 6.32 -7.45 16.45
N ALA B 119 5.53 -7.65 15.39
CA ALA B 119 4.83 -8.94 15.21
C ALA B 119 5.71 -10.18 15.36
N LEU B 120 6.95 -10.10 14.90
CA LEU B 120 7.91 -11.19 15.02
C LEU B 120 8.58 -11.25 16.38
N GLY B 121 8.15 -10.43 17.31
CA GLY B 121 8.67 -10.52 18.68
C GLY B 121 9.73 -9.55 19.04
N ALA B 122 9.88 -8.46 18.28
CA ALA B 122 10.74 -7.32 18.70
C ALA B 122 9.85 -6.27 19.34
N ASP B 123 9.65 -6.36 20.65
CA ASP B 123 8.69 -5.52 21.33
C ASP B 123 9.16 -4.10 21.33
N GLY B 124 8.26 -3.17 20.96
CA GLY B 124 8.56 -1.77 20.94
C GLY B 124 9.27 -1.28 19.70
N TRP B 125 9.41 -2.18 18.74
CA TRP B 125 10.12 -1.89 17.47
C TRP B 125 9.14 -1.77 16.35
N ASP B 126 7.88 -1.51 16.67
CA ASP B 126 6.90 -1.21 15.61
C ASP B 126 7.18 0.17 15.07
N TRP B 127 6.38 0.59 14.13
CA TRP B 127 6.52 1.90 13.56
C TRP B 127 6.54 3.03 14.55
N GLN B 128 5.54 3.11 15.43
CA GLN B 128 5.53 4.12 16.44
C GLN B 128 6.73 4.10 17.34
N GLY B 129 7.23 2.91 17.57
CA GLY B 129 8.41 2.68 18.34
C GLY B 129 9.75 3.13 17.68
N VAL B 130 9.83 3.04 16.36
CA VAL B 130 11.08 3.38 15.68
C VAL B 130 11.08 4.82 15.19
N LEU B 131 9.89 5.37 14.94
CA LEU B 131 9.78 6.72 14.40
C LEU B 131 10.60 7.78 15.16
N PRO B 132 10.51 7.80 16.48
CA PRO B 132 11.25 8.84 17.20
C PRO B 132 12.73 8.78 16.95
N TYR B 133 13.22 7.57 16.67
CA TYR B 133 14.63 7.32 16.37
C TYR B 133 15.06 7.63 14.90
N PHE B 134 14.15 7.45 13.94
CA PHE B 134 14.30 8.02 12.62
C PHE B 134 14.33 9.53 12.71
N ILE B 135 13.55 10.13 13.61
CA ILE B 135 13.50 11.58 13.67
C ILE B 135 14.78 12.06 14.32
N LYS B 136 15.26 11.35 15.32
CA LYS B 136 16.44 11.81 16.08
C LYS B 136 17.71 11.86 15.25
N THR B 137 17.85 10.88 14.37
CA THR B 137 19.09 10.79 13.60
C THR B 137 19.29 11.95 12.56
N GLU B 138 18.19 12.46 12.00
CA GLU B 138 18.23 13.23 10.76
C GLU B 138 18.03 14.72 11.00
N ARG B 139 18.57 15.50 10.08
CA ARG B 139 18.12 16.84 9.79
C ARG B 139 17.72 16.85 8.30
N ASP B 140 16.42 16.84 8.05
CA ASP B 140 15.85 16.83 6.70
C ASP B 140 15.77 18.28 6.16
N ALA B 141 16.51 18.55 5.08
CA ALA B 141 16.65 19.86 4.54
C ALA B 141 15.35 20.29 3.88
N ASP B 142 14.54 19.35 3.42
CA ASP B 142 13.35 19.73 2.63
C ASP B 142 12.09 19.80 3.48
N TYR B 143 12.04 18.91 4.47
CA TYR B 143 10.81 18.67 5.21
C TYR B 143 11.06 18.59 6.69
N GLY B 144 12.17 19.14 7.15
CA GLY B 144 12.59 19.00 8.57
C GLY B 144 11.60 19.52 9.59
N ASP B 145 10.71 20.42 9.17
CA ASP B 145 9.76 21.02 10.12
C ASP B 145 8.49 20.24 10.09
N ASP B 146 8.39 19.25 9.21
CA ASP B 146 7.16 18.50 9.05
C ASP B 146 6.97 17.44 10.08
N PRO B 147 5.70 17.11 10.37
CA PRO B 147 5.55 15.90 11.09
C PRO B 147 6.27 14.78 10.32
N LEU B 148 6.73 13.86 11.14
CA LEU B 148 7.45 12.66 10.78
C LEU B 148 8.91 13.00 10.53
N HIS B 149 9.35 14.26 10.68
CA HIS B 149 10.75 14.56 10.40
C HIS B 149 11.47 15.22 11.57
N GLY B 150 12.79 15.16 11.45
CA GLY B 150 13.70 15.82 12.38
C GLY B 150 14.40 16.95 11.68
N ASN B 151 14.69 18.04 12.42
CA ASN B 151 15.45 19.14 11.90
C ASN B 151 16.73 19.38 12.69
N ALA B 152 17.09 18.49 13.60
CA ALA B 152 18.18 18.76 14.53
C ALA B 152 19.24 17.66 14.62
N GLY B 153 19.00 16.53 13.98
CA GLY B 153 19.90 15.40 14.11
C GLY B 153 21.21 15.55 13.34
N PRO B 154 22.14 14.64 13.56
CA PRO B 154 23.50 14.68 12.94
C PRO B 154 23.62 14.30 11.52
N ILE B 155 22.58 13.68 10.94
CA ILE B 155 22.71 13.15 9.57
C ILE B 155 21.82 14.03 8.65
N PRO B 156 22.44 14.76 7.72
CA PRO B 156 21.57 15.51 6.79
C PRO B 156 20.93 14.60 5.77
N ILE B 157 19.69 14.94 5.42
CA ILE B 157 18.99 14.29 4.37
C ILE B 157 18.30 15.31 3.49
N GLY B 158 18.43 15.14 2.17
CA GLY B 158 17.86 16.07 1.20
C GLY B 158 17.65 15.38 -0.11
N ARG B 159 16.98 16.08 -1.02
CA ARG B 159 16.58 15.56 -2.32
C ARG B 159 16.91 16.60 -3.39
N VAL B 160 17.01 16.16 -4.61
CA VAL B 160 17.08 17.15 -5.70
C VAL B 160 15.64 17.69 -5.85
N ASP B 161 15.56 18.96 -6.26
CA ASP B 161 14.28 19.60 -6.61
C ASP B 161 13.78 18.97 -7.91
N SER B 162 12.55 18.45 -7.89
CA SER B 162 11.87 17.99 -9.08
C SER B 162 11.94 18.93 -10.28
N ARG B 163 11.97 20.23 -10.03
CA ARG B 163 12.12 21.18 -11.14
C ARG B 163 13.53 21.08 -11.80
N HIS B 164 14.52 20.54 -11.09
CA HIS B 164 15.87 20.42 -11.65
C HIS B 164 16.10 19.14 -12.47
N TRP B 165 15.10 18.27 -12.50
CA TRP B 165 15.18 17.08 -13.28
C TRP B 165 15.55 17.35 -14.73
N SER B 166 16.34 16.45 -15.30
CA SER B 166 16.67 16.46 -16.70
C SER B 166 15.43 16.10 -17.55
N ASP B 167 15.49 16.46 -18.84
CA ASP B 167 14.42 16.14 -19.77
C ASP B 167 14.25 14.67 -19.85
N PHE B 168 15.34 13.90 -19.68
CA PHE B 168 15.25 12.42 -19.68
C PHE B 168 14.46 11.96 -18.43
N THR B 169 14.86 12.45 -17.28
CA THR B 169 14.12 12.12 -16.04
C THR B 169 12.63 12.51 -16.15
N VAL B 170 12.33 13.74 -16.58
CA VAL B 170 10.91 14.10 -16.85
C VAL B 170 10.19 13.12 -17.77
N ALA B 171 10.83 12.69 -18.86
CA ALA B 171 10.24 11.71 -19.78
C ALA B 171 9.95 10.36 -19.09
N ALA B 172 10.85 9.95 -18.21
CA ALA B 172 10.59 8.75 -17.42
C ALA B 172 9.38 8.97 -16.52
N THR B 173 9.30 10.13 -15.88
CA THR B 173 8.19 10.36 -14.94
C THR B 173 6.84 10.46 -15.67
N GLN B 174 6.83 10.95 -16.91
CA GLN B 174 5.58 10.93 -17.68
C GLN B 174 5.10 9.48 -17.94
N ALA B 175 6.03 8.55 -18.15
CA ALA B 175 5.67 7.12 -18.38
C ALA B 175 5.06 6.53 -17.09
N LEU B 176 5.63 6.88 -15.97
CA LEU B 176 5.13 6.43 -14.64
C LEU B 176 3.74 7.06 -14.30
N GLU B 177 3.60 8.32 -14.60
CA GLU B 177 2.36 9.03 -14.47
C GLU B 177 1.27 8.36 -15.36
N ALA B 178 1.63 7.98 -16.56
CA ALA B 178 0.66 7.33 -17.43
C ALA B 178 0.23 5.98 -16.83
N ALA B 179 1.13 5.31 -16.10
CA ALA B 179 0.78 4.10 -15.36
C ALA B 179 -0.06 4.35 -14.11
N GLY B 180 -0.24 5.61 -13.72
CA GLY B 180 -1.05 5.94 -12.58
C GLY B 180 -0.24 5.98 -11.28
N LEU B 181 1.08 6.09 -11.37
CA LEU B 181 1.87 6.35 -10.18
C LEU B 181 1.99 7.84 -9.90
N PRO B 182 1.76 8.26 -8.63
CA PRO B 182 1.99 9.61 -8.21
C PRO B 182 3.47 9.84 -7.95
N ASN B 183 3.86 11.10 -8.12
CA ASN B 183 5.06 11.60 -7.44
C ASN B 183 4.70 11.70 -5.97
N ILE B 184 5.30 10.87 -5.13
CA ILE B 184 5.05 10.94 -3.67
C ILE B 184 5.91 11.96 -2.93
N HIS B 185 6.89 12.54 -3.63
CA HIS B 185 7.74 13.64 -3.17
C HIS B 185 8.77 13.23 -2.08
N ASP B 186 8.26 12.58 -1.04
CA ASP B 186 9.00 12.31 0.20
C ASP B 186 8.83 10.86 0.55
N GLN B 187 9.76 10.03 0.09
CA GLN B 187 9.67 8.61 0.36
C GLN B 187 9.82 8.26 1.82
N ASN B 188 10.28 9.21 2.66
CA ASN B 188 10.46 8.89 4.07
C ASN B 188 9.25 9.20 4.95
N ALA B 189 8.22 9.81 4.36
CA ALA B 189 7.05 10.18 5.10
C ALA B 189 5.75 9.92 4.33
N ARG B 190 5.80 9.27 3.21
CA ARG B 190 4.58 8.87 2.48
C ARG B 190 4.84 7.48 1.94
N PHE B 191 3.89 6.59 2.12
CA PHE B 191 4.17 5.19 2.09
C PHE B 191 3.40 4.38 1.13
N ASP B 192 2.81 5.01 0.12
CA ASP B 192 2.27 4.26 -0.97
C ASP B 192 3.32 4.18 -2.16
N ASP B 193 2.94 3.42 -3.16
CA ASP B 193 3.73 3.25 -4.37
C ASP B 193 3.79 4.58 -5.13
N GLY B 194 4.85 4.78 -5.88
CA GLY B 194 5.04 5.96 -6.70
C GLY B 194 6.52 6.26 -6.87
N TYR B 195 6.77 7.43 -7.43
CA TYR B 195 8.14 7.87 -7.75
C TYR B 195 8.46 9.17 -6.99
N PHE B 196 9.73 9.50 -6.92
CA PHE B 196 10.23 10.57 -6.09
C PHE B 196 11.68 10.88 -6.36
N PRO B 197 12.13 12.08 -6.03
CA PRO B 197 13.55 12.38 -6.00
C PRO B 197 14.10 11.62 -4.74
N PRO B 198 15.08 10.77 -4.93
CA PRO B 198 15.63 10.07 -3.76
C PRO B 198 16.22 10.96 -2.70
N ALA B 199 15.97 10.59 -1.44
CA ALA B 199 16.57 11.25 -0.31
C ALA B 199 17.97 10.69 -0.12
N PHE B 200 18.91 11.61 0.10
CA PHE B 200 20.30 11.26 0.21
C PHE B 200 20.95 12.10 1.27
N THR B 201 22.18 11.70 1.65
CA THR B 201 23.03 12.38 2.65
C THR B 201 24.31 12.90 2.00
N LEU B 202 24.38 14.23 1.86
CA LEU B 202 25.61 14.93 1.37
C LEU B 202 25.77 16.19 2.19
N LYS B 203 27.01 16.63 2.34
CA LYS B 203 27.26 18.05 2.74
C LYS B 203 27.83 18.82 1.56
N GLY B 204 26.95 19.46 0.79
CA GLY B 204 27.36 20.07 -0.48
C GLY B 204 27.65 18.94 -1.46
N GLU B 205 28.91 18.88 -1.91
CA GLU B 205 29.43 17.87 -2.82
C GLU B 205 30.18 16.72 -2.05
N GLU B 206 30.15 16.82 -0.73
CA GLU B 206 30.90 15.91 0.12
C GLU B 206 30.07 14.80 0.67
N ARG B 207 30.67 13.62 0.66
CA ARG B 207 30.09 12.56 1.44
C ARG B 207 29.99 13.01 2.88
N PHE B 208 28.98 12.49 3.61
CA PHE B 208 28.85 12.79 5.05
C PHE B 208 28.54 11.49 5.81
N SER B 209 29.58 10.80 6.21
CA SER B 209 29.43 9.52 6.85
C SER B 209 28.97 9.69 8.29
N ALA B 210 28.59 8.57 8.87
CA ALA B 210 28.25 8.52 10.30
C ALA B 210 29.44 8.92 11.15
N ALA B 211 30.67 8.75 10.67
CA ALA B 211 31.82 9.24 11.43
C ALA B 211 31.80 10.79 11.51
N ARG B 212 31.48 11.44 10.40
CA ARG B 212 31.45 12.91 10.35
C ARG B 212 30.33 13.44 11.21
N GLY B 213 29.21 12.73 11.22
CA GLY B 213 28.02 13.18 11.94
C GLY B 213 28.12 12.90 13.45
N TYR B 214 28.57 11.69 13.83
CA TYR B 214 28.49 11.24 15.20
C TYR B 214 29.85 11.31 15.94
N LEU B 215 30.93 11.37 15.19
CA LEU B 215 32.27 11.45 15.79
C LEU B 215 32.96 12.75 15.40
N ASP B 216 32.24 13.85 15.64
CA ASP B 216 32.79 15.20 15.35
C ASP B 216 33.83 15.60 16.36
N ALA B 217 34.47 16.74 16.14
CA ALA B 217 35.55 17.14 17.05
C ALA B 217 35.10 17.33 18.49
N SER B 218 33.85 17.69 18.72
CA SER B 218 33.32 17.84 20.09
C SER B 218 33.23 16.49 20.77
N VAL B 219 32.84 15.49 19.99
CA VAL B 219 32.74 14.12 20.54
C VAL B 219 34.10 13.55 20.85
N ARG B 220 35.07 13.76 19.93
CA ARG B 220 36.36 13.19 20.08
C ARG B 220 37.15 13.76 21.24
N VAL B 221 36.94 15.01 21.62
CA VAL B 221 37.61 15.52 22.82
C VAL B 221 36.97 15.10 24.15
N ARG B 222 35.88 14.33 24.14
CA ARG B 222 35.28 13.88 25.40
C ARG B 222 36.32 13.09 26.20
N PRO B 223 36.44 13.37 27.48
CA PRO B 223 37.51 12.69 28.20
C PRO B 223 37.21 11.21 28.41
N ASN B 224 35.96 10.83 28.30
CA ASN B 224 35.53 9.44 28.57
C ASN B 224 35.33 8.59 27.31
N LEU B 225 35.71 9.15 26.14
CA LEU B 225 35.63 8.42 24.88
C LEU B 225 37.05 8.20 24.31
N SER B 226 37.41 6.91 24.12
CA SER B 226 38.64 6.59 23.43
C SER B 226 38.29 6.00 22.08
N LEU B 227 39.14 6.29 21.10
CA LEU B 227 38.90 5.87 19.71
C LEU B 227 40.19 5.23 19.25
N TRP B 228 40.15 3.93 19.00
CA TRP B 228 41.27 3.24 18.38
C TRP B 228 40.97 2.87 16.96
N THR B 229 41.73 3.43 16.02
CA THR B 229 41.63 3.05 14.60
C THR B 229 42.79 2.19 14.23
N GLU B 230 42.69 1.57 13.08
CA GLU B 230 43.68 0.56 12.64
C GLU B 230 43.93 -0.51 13.70
N SER B 231 42.84 -0.92 14.34
CA SER B 231 42.91 -1.82 15.48
C SER B 231 41.84 -2.86 15.34
N ARG B 232 42.22 -4.13 15.32
CA ARG B 232 41.29 -5.19 14.98
C ARG B 232 40.98 -6.08 16.24
N VAL B 233 39.73 -6.21 16.63
CA VAL B 233 39.41 -7.12 17.69
C VAL B 233 39.50 -8.54 17.09
N LEU B 234 40.31 -9.36 17.75
CA LEU B 234 40.47 -10.74 17.35
C LEU B 234 39.53 -11.69 18.06
N LYS B 235 39.41 -11.55 19.36
CA LYS B 235 38.66 -12.50 20.18
C LYS B 235 37.95 -11.71 21.25
N LEU B 236 36.86 -12.25 21.74
CA LEU B 236 36.25 -11.79 22.98
C LEU B 236 36.89 -12.59 24.11
N LEU B 237 37.11 -11.92 25.25
CA LEU B 237 37.60 -12.57 26.47
C LEU B 237 36.39 -12.89 27.34
N THR B 238 36.47 -14.08 27.95
CA THR B 238 35.35 -14.51 28.77
C THR B 238 35.85 -14.94 30.13
N THR B 239 34.95 -14.84 31.08
CA THR B 239 35.13 -15.31 32.47
C THR B 239 33.82 -16.07 32.73
N GLY B 240 33.89 -17.40 32.63
CA GLY B 240 32.75 -18.24 32.77
C GLY B 240 31.79 -17.89 31.68
N ASN B 241 30.56 -17.53 32.06
CA ASN B 241 29.51 -17.23 31.05
C ASN B 241 29.41 -15.73 30.71
N ALA B 242 30.33 -14.95 31.20
CA ALA B 242 30.32 -13.53 31.01
C ALA B 242 31.41 -13.13 30.01
N ILE B 243 31.10 -12.21 29.11
CA ILE B 243 32.13 -11.64 28.28
C ILE B 243 32.74 -10.46 29.11
N THR B 244 34.05 -10.45 29.24
CA THR B 244 34.72 -9.56 30.15
C THR B 244 35.81 -8.72 29.49
N GLY B 245 35.94 -8.76 28.15
CA GLY B 245 36.93 -7.93 27.47
C GLY B 245 37.11 -8.36 26.04
N VAL B 246 38.13 -7.80 25.43
CA VAL B 246 38.54 -8.11 24.06
C VAL B 246 40.04 -8.29 23.95
N SER B 247 40.45 -9.03 22.94
CA SER B 247 41.87 -9.04 22.53
C SER B 247 41.94 -8.31 21.25
N VAL B 248 42.87 -7.39 21.18
CA VAL B 248 42.90 -6.43 20.09
C VAL B 248 44.29 -6.43 19.45
N LEU B 249 44.34 -6.53 18.15
CA LEU B 249 45.60 -6.33 17.42
C LEU B 249 45.77 -4.83 17.11
N ARG B 250 46.82 -4.24 17.66
CA ARG B 250 47.04 -2.76 17.55
C ARG B 250 48.52 -2.48 17.48
N GLY B 251 48.96 -1.91 16.37
CA GLY B 251 50.38 -2.03 15.98
C GLY B 251 50.70 -3.45 15.54
N ARG B 252 51.80 -4.01 15.99
CA ARG B 252 52.03 -5.42 15.76
C ARG B 252 51.79 -6.17 17.06
N GLU B 253 51.07 -5.55 18.00
CA GLU B 253 50.94 -6.05 19.35
C GLU B 253 49.52 -6.55 19.58
N THR B 254 49.37 -7.59 20.41
CA THR B 254 48.07 -8.07 20.83
C THR B 254 47.79 -7.59 22.22
N LEU B 255 46.81 -6.71 22.40
CA LEU B 255 46.55 -6.08 23.72
C LEU B 255 45.27 -6.71 24.27
N GLN B 256 45.16 -6.78 25.59
CA GLN B 256 43.90 -7.16 26.23
C GLN B 256 43.25 -5.91 26.85
N VAL B 257 41.92 -5.75 26.70
CA VAL B 257 41.21 -4.67 27.26
C VAL B 257 40.01 -5.21 28.06
N GLN B 258 39.91 -4.85 29.31
CA GLN B 258 38.81 -5.29 30.14
C GLN B 258 37.59 -4.42 29.91
N ALA B 259 36.42 -5.05 29.87
CA ALA B 259 35.17 -4.32 29.70
C ALA B 259 34.04 -4.85 30.54
N ARG B 260 33.22 -3.96 31.05
CA ARG B 260 31.99 -4.41 31.70
C ARG B 260 30.99 -4.92 30.71
N GLU B 261 30.95 -4.27 29.56
CA GLU B 261 30.05 -4.70 28.49
C GLU B 261 30.77 -4.54 27.15
N VAL B 262 30.64 -5.54 26.27
CA VAL B 262 31.10 -5.44 24.91
C VAL B 262 29.84 -5.34 24.00
N ILE B 263 29.93 -4.42 23.06
CA ILE B 263 28.87 -4.14 22.09
C ILE B 263 29.41 -4.43 20.70
N LEU B 264 28.82 -5.42 20.04
CA LEU B 264 29.33 -5.75 18.70
C LEU B 264 28.55 -4.92 17.65
N THR B 265 29.32 -4.22 16.83
CA THR B 265 28.81 -3.44 15.68
C THR B 265 29.82 -3.59 14.53
N ALA B 266 30.20 -4.84 14.32
CA ALA B 266 31.22 -5.25 13.37
C ALA B 266 30.64 -5.55 11.97
N GLY B 267 29.34 -5.39 11.82
CA GLY B 267 28.65 -5.66 10.58
C GLY B 267 27.99 -7.02 10.54
N ALA B 268 26.92 -7.12 9.74
CA ALA B 268 26.05 -8.31 9.74
C ALA B 268 26.72 -9.60 9.34
N LEU B 269 27.85 -9.54 8.63
CA LEU B 269 28.59 -10.75 8.24
C LEU B 269 29.65 -11.08 9.29
N GLN B 270 30.10 -10.08 10.01
CA GLN B 270 31.20 -10.24 10.99
C GLN B 270 30.81 -10.27 12.46
N SER B 271 29.79 -9.56 12.86
CA SER B 271 29.29 -9.72 14.22
C SER B 271 28.98 -11.16 14.59
N PRO B 272 28.15 -11.85 13.81
CA PRO B 272 27.85 -13.22 14.17
C PRO B 272 29.04 -14.15 14.15
N ALA B 273 30.02 -13.87 13.25
CA ALA B 273 31.22 -14.65 13.25
C ALA B 273 31.94 -14.52 14.57
N ILE B 274 32.01 -13.32 15.10
CA ILE B 274 32.60 -13.12 16.44
C ILE B 274 31.84 -13.92 17.51
N LEU B 275 30.51 -13.85 17.45
CA LEU B 275 29.66 -14.66 18.35
C LEU B 275 29.98 -16.18 18.26
N LEU B 276 30.05 -16.73 17.09
CA LEU B 276 30.37 -18.16 16.84
C LEU B 276 31.76 -18.49 17.38
N ARG B 277 32.76 -17.68 17.06
CA ARG B 277 34.11 -17.94 17.61
C ARG B 277 34.14 -17.91 19.14
N THR B 278 33.23 -17.12 19.76
CA THR B 278 33.17 -17.02 21.22
C THR B 278 32.41 -18.20 21.85
N GLY B 279 31.93 -19.11 21.01
CA GLY B 279 31.11 -20.25 21.42
C GLY B 279 29.63 -19.92 21.65
N ILE B 280 29.11 -18.91 20.96
CA ILE B 280 27.68 -18.51 21.02
C ILE B 280 27.05 -18.79 19.65
N GLY B 281 26.35 -19.89 19.55
CA GLY B 281 25.85 -20.36 18.25
C GLY B 281 25.39 -21.79 18.30
N PRO B 282 25.03 -22.37 17.14
CA PRO B 282 24.50 -23.79 17.07
C PRO B 282 25.52 -24.71 17.62
N ALA B 283 25.17 -25.45 18.67
CA ALA B 283 26.19 -26.25 19.36
C ALA B 283 26.95 -27.23 18.42
N ALA B 284 26.23 -27.90 17.53
CA ALA B 284 26.89 -28.91 16.71
C ALA B 284 27.97 -28.35 15.79
N ASP B 285 27.71 -27.18 15.22
CA ASP B 285 28.70 -26.46 14.39
C ASP B 285 29.95 -26.11 15.20
N LEU B 286 29.72 -25.73 16.44
CA LEU B 286 30.79 -25.26 17.34
C LEU B 286 31.63 -26.42 17.80
N HIS B 287 30.94 -27.48 18.23
CA HIS B 287 31.63 -28.68 18.66
C HIS B 287 32.46 -29.22 17.49
N ALA B 288 31.98 -29.10 16.28
CA ALA B 288 32.74 -29.60 15.13
C ALA B 288 34.06 -28.84 14.97
N LEU B 289 34.14 -27.58 15.36
CA LEU B 289 35.40 -26.84 15.21
C LEU B 289 36.22 -26.79 16.45
N GLY B 290 35.81 -27.53 17.48
CA GLY B 290 36.53 -27.64 18.72
C GLY B 290 36.36 -26.44 19.59
N ILE B 291 35.33 -25.66 19.33
CA ILE B 291 35.09 -24.41 20.08
C ILE B 291 34.21 -24.74 21.30
N PRO B 292 34.67 -24.42 22.54
CA PRO B 292 33.82 -24.63 23.74
C PRO B 292 32.52 -23.89 23.58
N VAL B 293 31.41 -24.52 23.91
CA VAL B 293 30.11 -23.88 23.75
C VAL B 293 29.74 -23.15 25.00
N LEU B 294 29.53 -21.83 24.90
CA LEU B 294 29.08 -21.03 26.02
C LEU B 294 27.58 -21.02 26.06
N ALA B 295 26.98 -20.93 24.89
CA ALA B 295 25.54 -20.95 24.81
C ALA B 295 25.12 -21.52 23.46
N ASP B 296 24.26 -22.50 23.53
CA ASP B 296 23.64 -23.12 22.37
C ASP B 296 22.55 -22.21 21.83
N ARG B 297 22.86 -21.45 20.78
CA ARG B 297 21.94 -20.39 20.25
C ARG B 297 21.79 -20.62 18.75
N PRO B 298 20.81 -21.41 18.35
CA PRO B 298 20.83 -21.85 16.96
C PRO B 298 20.56 -20.73 15.93
N GLY B 299 20.06 -19.59 16.37
CA GLY B 299 19.79 -18.48 15.44
C GLY B 299 21.05 -17.76 14.92
N VAL B 300 22.19 -17.94 15.57
CA VAL B 300 23.38 -17.13 15.24
C VAL B 300 23.87 -17.49 13.86
N GLY B 301 23.91 -16.51 12.96
CA GLY B 301 24.29 -16.77 11.59
C GLY B 301 23.15 -17.12 10.70
N ARG B 302 21.97 -17.36 11.25
CA ARG B 302 20.80 -17.61 10.42
C ARG B 302 20.13 -16.32 10.04
N ASN B 303 19.05 -16.43 9.20
CA ASN B 303 18.18 -15.29 8.94
C ASN B 303 18.90 -14.19 8.25
N LEU B 304 19.76 -14.60 7.29
CA LEU B 304 20.57 -13.65 6.52
C LEU B 304 19.70 -13.14 5.37
N TRP B 305 19.42 -11.85 5.43
CA TRP B 305 18.64 -11.13 4.43
C TRP B 305 19.52 -10.24 3.49
N GLU B 306 18.89 -9.85 2.39
CA GLU B 306 19.53 -9.10 1.31
C GLU B 306 18.43 -8.58 0.38
N HIS B 307 18.80 -7.68 -0.52
CA HIS B 307 17.95 -7.23 -1.65
C HIS B 307 18.49 -7.83 -2.92
N SER B 308 17.64 -8.57 -3.64
CA SER B 308 18.05 -9.31 -4.84
C SER B 308 17.88 -8.37 -6.07
N SER B 309 18.99 -8.17 -6.82
CA SER B 309 19.10 -7.12 -7.82
C SER B 309 19.44 -7.62 -9.21
N ILE B 310 19.01 -6.83 -10.19
CA ILE B 310 19.39 -7.03 -11.57
C ILE B 310 19.33 -5.69 -12.30
N GLY B 311 19.98 -5.61 -13.47
CA GLY B 311 19.77 -4.43 -14.28
C GLY B 311 19.40 -4.65 -15.71
N VAL B 312 18.97 -3.55 -16.30
CA VAL B 312 18.71 -3.41 -17.70
C VAL B 312 19.47 -2.17 -18.18
N VAL B 313 20.22 -2.27 -19.27
CA VAL B 313 20.87 -1.09 -19.86
C VAL B 313 20.67 -1.01 -21.37
N ALA B 314 20.97 0.15 -21.93
CA ALA B 314 20.95 0.38 -23.38
C ALA B 314 21.87 1.54 -23.67
N PRO B 315 22.57 1.54 -24.82
CA PRO B 315 23.37 2.72 -25.22
C PRO B 315 22.56 4.03 -25.39
N LEU B 316 23.12 5.14 -24.91
CA LEU B 316 22.49 6.45 -25.09
C LEU B 316 22.62 7.04 -26.47
N THR B 317 21.48 7.16 -27.17
CA THR B 317 21.39 7.87 -28.43
C THR B 317 21.62 9.35 -28.18
N GLU B 318 21.89 10.13 -29.25
CA GLU B 318 22.15 11.57 -29.14
C GLU B 318 20.99 12.18 -28.35
N GLN B 319 19.79 11.78 -28.72
CA GLN B 319 18.60 12.41 -28.14
C GLN B 319 18.47 12.15 -26.63
N ALA B 320 18.76 10.92 -26.23
CA ALA B 320 18.69 10.53 -24.84
C ALA B 320 19.82 11.20 -24.08
N ARG B 321 21.05 11.25 -24.65
CA ARG B 321 22.17 11.98 -24.01
C ARG B 321 21.85 13.42 -23.82
N ALA B 322 21.30 14.05 -24.87
CA ALA B 322 21.08 15.50 -24.84
C ALA B 322 20.02 15.78 -23.78
N ASP B 323 18.94 15.00 -23.83
CA ASP B 323 17.84 15.12 -22.83
C ASP B 323 18.32 14.82 -21.42
N ALA B 324 19.35 13.98 -21.31
CA ALA B 324 19.94 13.66 -20.01
C ALA B 324 20.87 14.75 -19.47
N SER B 325 21.32 15.67 -20.33
CA SER B 325 22.26 16.70 -19.93
C SER B 325 21.64 17.99 -19.40
N THR B 326 20.32 18.07 -19.35
CA THR B 326 19.65 19.31 -18.93
C THR B 326 19.28 19.39 -17.45
N GLY B 327 19.56 18.33 -16.66
CA GLY B 327 19.36 18.50 -15.22
C GLY B 327 20.09 19.70 -14.62
N LYS B 328 19.56 20.30 -13.55
CA LYS B 328 20.24 21.42 -12.91
C LYS B 328 20.87 21.15 -11.55
N ALA B 329 20.89 19.87 -11.16
CA ALA B 329 21.33 19.42 -9.82
C ALA B 329 22.63 18.54 -9.82
N GLY B 330 23.37 18.49 -10.95
CA GLY B 330 24.62 17.72 -11.05
C GLY B 330 24.38 16.23 -11.03
N SER B 331 25.34 15.43 -10.56
CA SER B 331 25.21 14.00 -10.70
C SER B 331 24.61 13.31 -9.42
N ARG B 332 23.87 14.11 -8.69
CA ARG B 332 23.09 13.62 -7.56
C ARG B 332 21.98 12.64 -7.99
N HIS B 333 21.52 11.84 -7.06
CA HIS B 333 20.45 10.85 -7.38
C HIS B 333 19.18 11.61 -7.79
N GLN B 334 18.54 11.17 -8.87
CA GLN B 334 17.42 11.93 -9.52
C GLN B 334 16.05 11.29 -9.25
N LEU B 335 15.95 9.95 -9.40
CA LEU B 335 14.65 9.31 -9.48
C LEU B 335 14.67 7.92 -8.86
N GLY B 336 13.72 7.65 -7.97
CA GLY B 336 13.48 6.36 -7.40
C GLY B 336 12.01 6.02 -7.54
N ILE B 337 11.73 4.73 -7.63
CA ILE B 337 10.41 4.20 -7.90
C ILE B 337 10.12 3.07 -6.92
N ARG B 338 9.01 3.22 -6.18
CA ARG B 338 8.51 2.16 -5.31
C ARG B 338 7.33 1.54 -5.98
N ALA B 339 7.34 0.24 -6.20
CA ALA B 339 6.27 -0.39 -6.94
C ALA B 339 5.95 -1.75 -6.37
N SER B 340 4.79 -2.26 -6.77
CA SER B 340 4.34 -3.55 -6.29
C SER B 340 4.33 -4.53 -7.40
N SER B 341 4.98 -5.66 -7.17
CA SER B 341 5.09 -6.74 -8.20
C SER B 341 3.79 -7.49 -8.44
N GLY B 342 2.90 -7.44 -7.46
CA GLY B 342 1.70 -8.28 -7.43
C GLY B 342 1.94 -9.77 -7.25
N VAL B 343 3.17 -10.20 -7.01
CA VAL B 343 3.43 -11.59 -6.83
C VAL B 343 2.74 -12.14 -5.58
N ASP B 344 2.83 -11.39 -4.49
CA ASP B 344 2.13 -11.75 -3.22
C ASP B 344 1.48 -10.50 -2.65
N PRO B 345 0.13 -10.45 -2.61
CA PRO B 345 -0.53 -9.21 -2.13
C PRO B 345 -0.28 -8.83 -0.65
N ALA B 346 0.20 -9.80 0.15
CA ALA B 346 0.71 -9.59 1.46
C ALA B 346 1.93 -8.72 1.49
N THR B 347 2.61 -8.56 0.34
CA THR B 347 3.84 -7.80 0.30
C THR B 347 3.75 -6.79 -0.85
N PRO B 348 2.96 -5.74 -0.66
CA PRO B 348 2.99 -4.60 -1.62
C PRO B 348 4.34 -3.90 -1.53
N SER B 349 4.58 -3.02 -2.49
CA SER B 349 5.77 -2.17 -2.47
C SER B 349 7.06 -2.98 -2.35
N ASP B 350 7.11 -4.17 -2.94
CA ASP B 350 8.25 -5.09 -2.87
C ASP B 350 9.37 -4.85 -3.89
N LEU B 351 9.21 -3.86 -4.77
CA LEU B 351 10.24 -3.55 -5.81
C LEU B 351 10.71 -2.15 -5.64
N PHE B 352 12.00 -1.94 -5.91
CA PHE B 352 12.52 -0.61 -5.94
C PHE B 352 13.20 -0.50 -7.30
N LEU B 353 12.89 0.57 -8.04
CA LEU B 353 13.48 0.78 -9.35
C LEU B 353 14.09 2.12 -9.49
N HIS B 354 15.15 2.18 -10.32
CA HIS B 354 15.70 3.46 -10.74
C HIS B 354 15.84 3.51 -12.26
N ILE B 355 15.40 4.60 -12.89
CA ILE B 355 15.56 4.80 -14.33
C ILE B 355 16.34 6.06 -14.54
N GLY B 356 17.39 5.99 -15.37
CA GLY B 356 18.28 7.11 -15.44
C GLY B 356 19.14 6.98 -16.68
N ALA B 357 19.94 8.02 -16.89
CA ALA B 357 20.87 8.09 -18.05
C ALA B 357 22.22 8.59 -17.56
N ASP B 358 23.30 7.92 -17.97
CA ASP B 358 24.62 8.37 -17.56
C ASP B 358 25.51 8.65 -18.77
N PRO B 359 25.81 9.95 -19.02
CA PRO B 359 26.72 10.37 -20.09
C PRO B 359 28.13 9.89 -19.97
N VAL B 360 28.57 9.56 -18.76
CA VAL B 360 29.94 9.14 -18.54
C VAL B 360 30.20 7.75 -19.11
N SER B 361 29.36 6.79 -18.73
CA SER B 361 29.41 5.44 -19.26
C SER B 361 28.71 5.35 -20.61
N GLY B 362 27.86 6.30 -20.95
CA GLY B 362 27.03 6.28 -22.15
C GLY B 362 25.88 5.28 -22.15
N LEU B 363 25.34 4.99 -20.96
CA LEU B 363 24.23 4.06 -20.86
C LEU B 363 23.01 4.72 -20.22
N ALA B 364 21.87 4.38 -20.77
CA ALA B 364 20.57 4.44 -20.04
C ALA B 364 20.42 3.19 -19.22
N SER B 365 19.78 3.27 -18.06
CA SER B 365 19.65 2.11 -17.27
C SER B 365 18.35 2.08 -16.50
N ALA B 366 17.87 0.85 -16.26
CA ALA B 366 16.74 0.66 -15.37
C ALA B 366 17.28 -0.41 -14.46
N VAL B 367 17.78 -0.03 -13.31
CA VAL B 367 18.28 -1.02 -12.34
C VAL B 367 17.21 -1.16 -11.26
N PHE B 368 17.10 -2.36 -10.71
CA PHE B 368 16.10 -2.57 -9.68
C PHE B 368 16.40 -3.81 -8.81
N TRP B 369 15.65 -3.89 -7.74
CA TRP B 369 15.79 -5.00 -6.83
C TRP B 369 14.45 -5.33 -6.10
N VAL B 370 14.43 -6.56 -5.67
CA VAL B 370 13.42 -7.03 -4.72
C VAL B 370 13.80 -6.44 -3.36
N ASN B 371 12.96 -5.48 -2.95
CA ASN B 371 13.13 -4.66 -1.78
C ASN B 371 12.43 -5.27 -0.56
N LYS B 372 11.53 -6.25 -0.79
CA LYS B 372 10.90 -6.97 0.28
C LYS B 372 10.80 -8.42 -0.11
N PRO B 373 11.91 -9.14 0.06
CA PRO B 373 12.01 -10.49 -0.41
C PRO B 373 11.41 -11.50 0.53
N SER B 374 11.38 -12.71 0.07
CA SER B 374 10.98 -13.84 0.92
C SER B 374 12.14 -14.72 1.34
N SER B 375 13.22 -14.82 0.53
CA SER B 375 14.35 -15.73 0.77
C SER B 375 15.25 -15.23 1.83
N THR B 376 15.82 -16.18 2.54
CA THR B 376 16.88 -15.85 3.51
C THR B 376 17.95 -16.91 3.37
N GLY B 377 19.13 -16.58 3.85
CA GLY B 377 20.29 -17.46 3.80
C GLY B 377 20.91 -17.61 5.16
N TRP B 378 22.21 -17.81 5.18
CA TRP B 378 22.89 -18.11 6.46
C TRP B 378 24.37 -17.91 6.29
N LEU B 379 25.10 -17.88 7.41
CA LEU B 379 26.57 -18.00 7.40
C LEU B 379 27.00 -18.84 8.57
N LYS B 380 28.14 -19.46 8.44
CA LYS B 380 28.73 -20.38 9.46
C LYS B 380 30.25 -20.17 9.45
N LEU B 381 30.97 -20.57 10.50
CA LEU B 381 32.41 -20.43 10.47
C LEU B 381 33.00 -21.42 9.51
N LYS B 382 34.08 -21.05 8.88
CA LYS B 382 34.95 -22.03 8.21
C LYS B 382 35.83 -22.85 9.18
N ASP B 383 36.40 -22.12 10.14
CA ASP B 383 37.30 -22.62 11.17
C ASP B 383 37.29 -21.63 12.34
N ALA B 384 38.12 -21.87 13.36
CA ALA B 384 38.16 -21.10 14.56
C ALA B 384 39.01 -19.83 14.46
N ASP B 385 39.70 -19.67 13.33
CA ASP B 385 40.72 -18.63 13.20
C ASP B 385 40.05 -17.22 13.08
N PRO B 386 40.42 -16.30 13.94
CA PRO B 386 39.96 -14.92 13.92
C PRO B 386 40.16 -14.31 12.57
N PHE B 387 41.15 -14.77 11.79
CA PHE B 387 41.43 -14.20 10.49
C PHE B 387 40.64 -14.81 9.31
N SER B 388 39.92 -15.89 9.54
CA SER B 388 39.06 -16.47 8.53
C SER B 388 37.72 -15.76 8.49
N TYR B 389 37.23 -15.48 7.30
CA TYR B 389 35.85 -15.02 7.14
C TYR B 389 34.90 -16.20 7.26
N PRO B 390 33.62 -15.93 7.58
CA PRO B 390 32.62 -16.97 7.61
C PRO B 390 32.32 -17.40 6.19
N ASP B 391 31.84 -18.64 6.08
CA ASP B 391 31.21 -19.13 4.87
C ASP B 391 29.77 -18.56 4.79
N VAL B 392 29.49 -17.77 3.77
CA VAL B 392 28.25 -16.97 3.66
C VAL B 392 27.51 -17.49 2.43
N ASP B 393 26.26 -17.87 2.64
CA ASP B 393 25.36 -18.27 1.54
C ASP B 393 24.13 -17.43 1.60
N PHE B 394 24.03 -16.40 0.77
CA PHE B 394 22.83 -15.59 0.79
C PHE B 394 21.61 -16.35 0.29
N ASN B 395 21.83 -17.44 -0.41
CA ASN B 395 20.66 -18.30 -0.77
C ASN B 395 19.59 -17.55 -1.53
N LEU B 396 19.99 -16.65 -2.42
CA LEU B 396 18.99 -15.80 -3.06
C LEU B 396 18.17 -16.58 -4.07
N LEU B 397 16.90 -16.20 -4.23
CA LEU B 397 15.92 -16.90 -5.09
C LEU B 397 15.67 -18.37 -4.66
N SER B 398 15.89 -18.68 -3.39
CA SER B 398 15.49 -19.92 -2.82
C SER B 398 13.94 -19.97 -2.68
N ASP B 399 13.33 -18.87 -2.25
CA ASP B 399 11.88 -18.79 -2.29
C ASP B 399 11.45 -18.34 -3.71
N PRO B 400 10.58 -19.12 -4.37
CA PRO B 400 10.24 -18.82 -5.76
C PRO B 400 9.54 -17.51 -5.96
N ARG B 401 8.92 -16.97 -4.94
CA ARG B 401 8.32 -15.66 -5.11
C ARG B 401 9.34 -14.62 -5.55
N ASP B 402 10.55 -14.71 -5.04
CA ASP B 402 11.60 -13.74 -5.44
C ASP B 402 12.01 -13.73 -6.93
N LEU B 403 12.02 -14.91 -7.52
CA LEU B 403 12.26 -15.04 -8.94
C LEU B 403 11.03 -14.50 -9.66
N GLY B 404 9.85 -14.82 -9.19
CA GLY B 404 8.67 -14.16 -9.71
C GLY B 404 8.70 -12.67 -9.67
N ARG B 405 9.21 -12.11 -8.57
CA ARG B 405 9.36 -10.64 -8.39
C ARG B 405 10.34 -10.04 -9.41
N LEU B 406 11.44 -10.77 -9.70
CA LEU B 406 12.41 -10.22 -10.67
C LEU B 406 11.77 -10.24 -12.07
N LYS B 407 11.00 -11.26 -12.38
CA LYS B 407 10.33 -11.31 -13.69
C LYS B 407 9.33 -10.16 -13.79
N ALA B 408 8.59 -9.95 -12.67
CA ALA B 408 7.61 -8.90 -12.65
C ALA B 408 8.23 -7.53 -12.85
N GLY B 409 9.39 -7.29 -12.23
CA GLY B 409 10.05 -6.01 -12.33
C GLY B 409 10.52 -5.79 -13.78
N LEU B 410 11.02 -6.84 -14.43
CA LEU B 410 11.39 -6.72 -15.87
C LEU B 410 10.18 -6.44 -16.77
N ARG B 411 9.03 -7.00 -16.42
CA ARG B 411 7.80 -6.67 -17.16
C ARG B 411 7.38 -5.24 -16.94
N LEU B 412 7.51 -4.76 -15.72
CA LEU B 412 7.19 -3.37 -15.44
C LEU B 412 8.10 -2.44 -16.23
N ILE B 413 9.39 -2.74 -16.29
CA ILE B 413 10.31 -1.92 -17.06
C ILE B 413 9.97 -1.89 -18.56
N THR B 414 9.63 -3.03 -19.10
CA THR B 414 9.17 -3.16 -20.48
C THR B 414 7.98 -2.27 -20.74
N HIS B 415 7.05 -2.28 -19.80
CA HIS B 415 5.83 -1.46 -19.89
C HIS B 415 6.12 0.03 -19.83
N TYR B 416 6.99 0.44 -18.90
CA TYR B 416 7.33 1.84 -18.82
C TYR B 416 8.05 2.30 -20.08
N PHE B 417 8.93 1.48 -20.60
CA PHE B 417 9.71 1.97 -21.74
C PHE B 417 8.88 1.91 -23.03
N ALA B 418 7.72 1.27 -22.94
CA ALA B 418 6.75 1.21 -24.05
C ALA B 418 5.88 2.48 -24.11
N ALA B 419 5.89 3.25 -23.02
CA ALA B 419 5.01 4.41 -22.94
C ALA B 419 5.63 5.45 -23.85
N PRO B 420 4.81 6.36 -24.40
CA PRO B 420 5.38 7.23 -25.40
C PRO B 420 6.59 8.02 -25.08
N SER B 421 6.67 8.61 -23.88
CA SER B 421 7.73 9.57 -23.59
C SER B 421 9.11 8.83 -23.47
N LEU B 422 9.09 7.50 -23.28
CA LEU B 422 10.30 6.70 -23.19
C LEU B 422 10.62 5.96 -24.47
N ALA B 423 9.61 5.38 -25.12
CA ALA B 423 9.80 4.83 -26.46
C ALA B 423 10.49 5.80 -27.49
N LYS B 424 10.25 7.09 -27.42
CA LYS B 424 10.91 8.00 -28.38
C LYS B 424 12.43 7.91 -28.42
N TYR B 425 13.04 7.29 -27.40
CA TYR B 425 14.49 7.23 -27.32
C TYR B 425 15.09 6.05 -28.12
N GLY B 426 14.21 5.22 -28.63
CA GLY B 426 14.56 4.05 -29.40
C GLY B 426 15.29 2.93 -28.67
N LEU B 427 15.43 3.03 -27.34
CA LEU B 427 16.50 2.29 -26.70
C LEU B 427 16.32 0.79 -26.82
N ALA B 428 17.42 0.04 -26.98
CA ALA B 428 17.33 -1.41 -27.13
C ALA B 428 17.82 -2.01 -25.79
N LEU B 429 16.91 -2.26 -24.88
CA LEU B 429 17.28 -2.75 -23.55
C LEU B 429 17.77 -4.19 -23.55
N ALA B 430 18.81 -4.38 -22.73
CA ALA B 430 19.49 -5.67 -22.56
C ALA B 430 19.75 -5.87 -21.10
N LEU B 431 19.71 -7.11 -20.67
CA LEU B 431 20.01 -7.42 -19.30
C LEU B 431 21.45 -7.15 -18.89
N SER B 432 21.67 -6.96 -17.59
CA SER B 432 23.01 -6.77 -17.05
C SER B 432 23.00 -7.10 -15.60
N ARG B 433 24.18 -7.37 -15.08
CA ARG B 433 24.36 -7.37 -13.63
C ARG B 433 24.07 -5.99 -13.06
N PHE B 434 23.59 -5.97 -11.80
CA PHE B 434 23.18 -4.72 -11.21
C PHE B 434 24.36 -3.84 -10.84
N ALA B 435 25.37 -4.43 -10.24
CA ALA B 435 26.37 -3.64 -9.50
C ALA B 435 27.18 -2.75 -10.40
N ALA B 436 27.84 -3.30 -11.39
CA ALA B 436 28.52 -2.33 -12.30
C ALA B 436 27.95 -2.58 -13.72
N PRO B 437 26.87 -1.90 -14.08
CA PRO B 437 26.14 -2.37 -15.26
C PRO B 437 26.93 -2.20 -16.55
N GLN B 438 26.81 -3.13 -17.48
CA GLN B 438 27.66 -3.15 -18.66
C GLN B 438 26.89 -3.77 -19.83
N PRO B 439 27.37 -3.52 -21.05
CA PRO B 439 26.79 -4.18 -22.19
C PRO B 439 27.08 -5.68 -22.17
N GLY B 440 26.52 -6.39 -23.16
CA GLY B 440 26.83 -7.80 -23.31
C GLY B 440 25.81 -8.84 -22.93
N GLY B 441 24.74 -8.42 -22.26
CA GLY B 441 23.63 -9.28 -21.90
C GLY B 441 22.64 -9.43 -23.01
N PRO B 442 21.78 -10.46 -22.90
CA PRO B 442 20.75 -10.65 -23.93
C PRO B 442 19.75 -9.51 -23.99
N LEU B 443 19.13 -9.27 -25.15
CA LEU B 443 18.06 -8.31 -25.28
C LEU B 443 16.88 -8.69 -24.41
N LEU B 444 16.35 -7.71 -23.70
CA LEU B 444 15.29 -7.95 -22.73
C LEU B 444 14.03 -8.47 -23.44
N ASN B 445 13.65 -7.82 -24.50
CA ASN B 445 12.43 -8.23 -25.20
C ASN B 445 12.49 -9.64 -25.72
N ASP B 446 13.65 -10.10 -26.14
CA ASP B 446 13.82 -11.48 -26.55
C ASP B 446 13.75 -12.44 -25.35
N LEU B 447 14.57 -12.15 -24.33
CA LEU B 447 14.65 -13.00 -23.16
C LEU B 447 13.31 -13.18 -22.43
N LEU B 448 12.49 -12.12 -22.38
CA LEU B 448 11.18 -12.19 -21.68
C LEU B 448 10.24 -13.21 -22.30
N GLN B 449 10.53 -13.68 -23.51
CA GLN B 449 9.63 -14.64 -24.20
C GLN B 449 10.11 -16.05 -24.09
N ASP B 450 11.17 -16.26 -23.27
CA ASP B 450 11.74 -17.55 -23.12
C ASP B 450 11.95 -17.76 -21.64
N GLU B 451 10.91 -18.23 -20.98
CA GLU B 451 10.92 -18.40 -19.54
C GLU B 451 12.12 -19.17 -19.00
N ALA B 452 12.52 -20.26 -19.65
CA ALA B 452 13.62 -21.07 -19.14
C ALA B 452 14.91 -20.27 -19.18
N ALA B 453 15.17 -19.63 -20.31
CA ALA B 453 16.40 -18.89 -20.52
C ALA B 453 16.44 -17.67 -19.56
N LEU B 454 15.28 -17.08 -19.39
CA LEU B 454 15.06 -16.01 -18.40
C LEU B 454 15.42 -16.45 -16.95
N GLU B 455 14.84 -17.54 -16.49
CA GLU B 455 15.16 -18.03 -15.15
C GLU B 455 16.62 -18.41 -15.02
N ARG B 456 17.19 -19.04 -16.07
CA ARG B 456 18.57 -19.40 -15.98
C ARG B 456 19.43 -18.11 -15.88
N TYR B 457 19.11 -17.10 -16.68
CA TYR B 457 19.83 -15.85 -16.61
C TYR B 457 19.74 -15.24 -15.22
N LEU B 458 18.53 -15.19 -14.66
CA LEU B 458 18.38 -14.53 -13.40
C LEU B 458 19.05 -15.28 -12.25
N ARG B 459 18.92 -16.61 -12.22
CA ARG B 459 19.62 -17.36 -11.17
C ARG B 459 21.14 -17.19 -11.30
N THR B 460 21.67 -17.08 -12.52
CA THR B 460 23.06 -16.96 -12.71
C THR B 460 23.62 -15.57 -12.28
N ASN B 461 22.86 -14.53 -12.60
CA ASN B 461 23.36 -13.13 -12.51
C ASN B 461 22.76 -12.27 -11.40
N VAL B 462 21.77 -12.80 -10.71
CA VAL B 462 21.18 -12.05 -9.55
C VAL B 462 22.28 -11.60 -8.58
N GLY B 463 22.14 -10.37 -8.14
CA GLY B 463 23.09 -9.74 -7.28
C GLY B 463 22.41 -9.31 -5.99
N GLY B 464 23.20 -8.57 -5.17
CA GLY B 464 22.70 -7.99 -3.95
C GLY B 464 22.68 -6.47 -4.02
N VAL B 465 22.27 -5.82 -2.92
CA VAL B 465 22.39 -4.39 -2.80
C VAL B 465 23.03 -4.03 -1.43
N TRP B 466 24.03 -4.79 -1.02
CA TRP B 466 24.76 -4.56 0.17
C TRP B 466 23.83 -4.39 1.38
N ALA B 467 22.75 -5.20 1.43
CA ALA B 467 21.73 -5.01 2.49
C ALA B 467 21.81 -6.19 3.51
N ALA B 468 22.99 -6.82 3.63
CA ALA B 468 23.23 -7.90 4.63
C ALA B 468 22.70 -7.50 6.02
N SER B 469 21.92 -8.39 6.60
CA SER B 469 21.18 -8.07 7.81
C SER B 469 20.57 -9.31 8.42
N GLY B 470 20.30 -9.25 9.72
CA GLY B 470 19.50 -10.28 10.37
C GLY B 470 20.11 -11.49 11.09
N THR B 471 21.42 -11.59 10.99
CA THR B 471 22.24 -12.68 11.49
C THR B 471 22.41 -12.80 12.99
N ALA B 472 21.86 -11.85 13.75
CA ALA B 472 21.82 -11.97 15.20
C ALA B 472 20.53 -11.33 15.70
N ARG B 473 19.40 -11.83 15.24
CA ARG B 473 18.22 -10.99 15.26
C ARG B 473 17.57 -10.86 16.66
N ILE B 474 16.93 -9.71 16.84
CA ILE B 474 16.07 -9.54 18.01
C ILE B 474 14.97 -10.61 17.95
N GLY B 475 14.60 -11.10 19.15
CA GLY B 475 13.42 -11.91 19.32
C GLY B 475 13.00 -12.05 20.78
N ARG B 476 11.89 -12.74 20.97
CA ARG B 476 11.32 -12.88 22.31
C ARG B 476 12.18 -13.80 23.15
N ALA B 477 11.99 -13.68 24.46
CA ALA B 477 12.75 -14.51 25.41
C ALA B 477 12.57 -16.00 25.22
N ASP B 478 11.44 -16.42 24.72
CA ASP B 478 11.18 -17.78 24.50
C ASP B 478 11.14 -18.17 23.03
N ASP B 479 11.77 -17.37 22.17
CA ASP B 479 11.97 -17.74 20.78
C ASP B 479 13.37 -18.35 20.63
N SER B 480 13.45 -19.69 20.44
CA SER B 480 14.75 -20.39 20.51
C SER B 480 15.66 -19.97 19.34
N GLN B 481 15.13 -19.33 18.29
CA GLN B 481 15.94 -18.84 17.18
C GLN B 481 16.36 -17.38 17.32
N ALA B 482 15.92 -16.70 18.37
CA ALA B 482 16.33 -15.32 18.58
C ALA B 482 17.75 -15.28 19.11
N VAL B 483 18.45 -14.19 18.83
CA VAL B 483 19.80 -14.04 19.33
C VAL B 483 19.91 -12.95 20.37
N VAL B 484 19.23 -11.82 20.16
CA VAL B 484 19.30 -10.72 21.16
C VAL B 484 17.91 -10.34 21.63
N ASP B 485 17.85 -9.78 22.83
CA ASP B 485 16.59 -9.20 23.27
C ASP B 485 16.36 -7.83 22.62
N LYS B 486 15.29 -7.15 23.03
CA LYS B 486 14.87 -5.91 22.32
C LYS B 486 15.77 -4.76 22.66
N ALA B 487 16.73 -4.97 23.58
CA ALA B 487 17.74 -3.98 23.90
C ALA B 487 19.15 -4.40 23.44
N GLY B 488 19.18 -5.44 22.61
CA GLY B 488 20.44 -5.93 22.00
C GLY B 488 21.23 -6.93 22.87
N ARG B 489 20.74 -7.27 24.07
CA ARG B 489 21.50 -8.18 24.88
C ARG B 489 21.48 -9.61 24.33
N VAL B 490 22.65 -10.22 24.21
CA VAL B 490 22.76 -11.54 23.70
C VAL B 490 22.24 -12.57 24.73
N TYR B 491 21.20 -13.33 24.35
CA TYR B 491 20.69 -14.35 25.23
C TYR B 491 21.76 -15.42 25.52
N GLY B 492 21.84 -15.85 26.75
CA GLY B 492 22.67 -16.98 27.09
C GLY B 492 23.96 -16.62 27.77
N VAL B 493 24.30 -15.36 27.74
CA VAL B 493 25.58 -14.88 28.29
C VAL B 493 25.30 -13.51 28.87
N THR B 494 26.27 -12.99 29.62
CA THR B 494 26.25 -11.61 30.13
C THR B 494 27.43 -10.85 29.56
N GLY B 495 27.33 -9.50 29.61
CA GLY B 495 28.44 -8.71 29.21
C GLY B 495 28.50 -8.45 27.71
N LEU B 496 27.43 -8.75 26.99
CA LEU B 496 27.53 -8.72 25.54
C LEU B 496 26.20 -8.30 24.85
N ARG B 497 26.34 -7.33 23.97
CA ARG B 497 25.24 -6.93 23.14
C ARG B 497 25.67 -6.93 21.67
N VAL B 498 24.68 -6.95 20.77
CA VAL B 498 24.86 -6.69 19.35
C VAL B 498 23.93 -5.50 19.00
N ALA B 499 24.40 -4.57 18.18
CA ALA B 499 23.72 -3.31 17.97
C ALA B 499 23.87 -2.79 16.55
N ASP B 500 24.15 -3.69 15.59
CA ASP B 500 24.24 -3.29 14.17
C ASP B 500 23.18 -3.93 13.30
N ALA B 501 23.38 -3.95 11.96
CA ALA B 501 22.38 -4.55 11.10
C ALA B 501 22.08 -6.03 11.32
N SER B 502 22.97 -6.70 12.01
CA SER B 502 22.72 -8.05 12.38
C SER B 502 21.41 -8.23 13.11
N ILE B 503 21.01 -7.21 13.84
CA ILE B 503 19.89 -7.46 14.75
C ILE B 503 18.49 -7.38 14.15
N MET B 504 18.44 -6.91 12.89
CA MET B 504 17.12 -6.71 12.23
C MET B 504 16.37 -8.04 12.09
N PRO B 505 15.12 -8.11 12.64
CA PRO B 505 14.41 -9.35 12.41
C PRO B 505 14.23 -9.75 10.93
N THR B 506 14.02 -8.73 10.11
CA THR B 506 13.96 -8.84 8.68
C THR B 506 14.50 -7.59 8.03
N VAL B 507 15.00 -7.68 6.79
CA VAL B 507 15.43 -6.48 6.08
C VAL B 507 14.18 -5.64 5.76
N PRO B 508 14.27 -4.31 5.95
CA PRO B 508 13.16 -3.48 5.61
C PRO B 508 13.11 -3.24 4.11
N THR B 509 12.11 -2.47 3.73
CA THR B 509 11.89 -2.08 2.34
C THR B 509 12.67 -0.78 2.11
N ALA B 510 13.99 -0.86 2.26
CA ALA B 510 14.83 0.31 2.37
C ALA B 510 16.27 -0.14 2.24
N ASN B 511 17.09 0.77 1.68
CA ASN B 511 18.55 0.60 1.78
C ASN B 511 18.88 0.70 3.29
N THR B 512 19.86 -0.05 3.74
CA THR B 512 19.97 -0.40 5.19
C THR B 512 20.75 0.59 6.05
N ASN B 513 21.28 1.67 5.47
CA ASN B 513 22.06 2.60 6.28
C ASN B 513 21.22 3.40 7.25
N LEU B 514 20.12 3.97 6.74
CA LEU B 514 19.25 4.75 7.66
C LEU B 514 18.56 3.90 8.72
N PRO B 515 18.02 2.71 8.36
CA PRO B 515 17.50 1.80 9.35
C PRO B 515 18.55 1.39 10.37
N THR B 516 19.79 1.25 9.92
CA THR B 516 20.85 0.96 10.89
C THR B 516 21.16 2.15 11.82
N LEU B 517 21.16 3.39 11.35
CA LEU B 517 21.33 4.53 12.21
C LEU B 517 20.21 4.54 13.24
N MET B 518 19.00 4.27 12.78
CA MET B 518 17.82 4.31 13.67
C MET B 518 17.99 3.27 14.78
N LEU B 519 18.36 2.01 14.39
CA LEU B 519 18.37 0.93 15.34
C LEU B 519 19.48 1.17 16.34
N ALA B 520 20.60 1.72 15.89
CA ALA B 520 21.69 2.05 16.83
C ALA B 520 21.28 3.17 17.85
N GLU B 521 20.50 4.15 17.39
CA GLU B 521 20.00 5.17 18.27
C GLU B 521 19.08 4.57 19.30
N LYS B 522 18.26 3.63 18.86
CA LYS B 522 17.26 2.95 19.71
C LYS B 522 17.92 2.04 20.73
N ILE B 523 18.94 1.31 20.31
CA ILE B 523 19.68 0.45 21.24
C ILE B 523 20.43 1.30 22.24
N ALA B 524 21.03 2.36 21.76
CA ALA B 524 21.73 3.29 22.66
C ALA B 524 20.79 3.79 23.73
N ASP B 525 19.58 4.12 23.35
CA ASP B 525 18.63 4.58 24.36
C ASP B 525 18.26 3.46 25.32
N ALA B 526 18.06 2.26 24.81
CA ALA B 526 17.75 1.11 25.67
C ALA B 526 18.82 0.92 26.69
N ILE B 527 20.06 0.95 26.24
CA ILE B 527 21.21 0.75 27.14
C ILE B 527 21.17 1.79 28.20
N LEU B 528 21.01 3.04 27.79
CA LEU B 528 21.11 4.13 28.74
C LEU B 528 19.94 4.17 29.77
N THR B 529 18.76 3.73 29.38
CA THR B 529 17.53 3.92 30.21
C THR B 529 16.93 2.66 30.88
PA FAD C . -28.60 3.18 -9.61
O1A FAD C . -28.05 4.55 -9.42
O2A FAD C . -29.32 2.61 -8.42
O5B FAD C . -29.54 3.32 -10.87
C5B FAD C . -30.47 2.30 -11.33
C4B FAD C . -31.70 3.06 -11.82
O4B FAD C . -32.47 2.07 -12.59
C3B FAD C . -32.67 3.68 -10.73
O3B FAD C . -32.82 5.09 -10.89
C2B FAD C . -33.96 2.91 -11.00
O2B FAD C . -35.17 3.54 -10.58
C1B FAD C . -33.90 2.42 -12.41
N9A FAD C . -34.62 1.18 -12.72
C8A FAD C . -34.45 -0.04 -12.14
N7A FAD C . -35.27 -0.93 -12.75
C5A FAD C . -35.91 -0.28 -13.78
C6A FAD C . -36.79 -0.65 -14.75
N6A FAD C . -37.27 -1.89 -14.82
N1A FAD C . -37.23 0.24 -15.62
C2A FAD C . -36.81 1.55 -15.56
N3A FAD C . -35.93 2.00 -14.64
C4A FAD C . -35.49 1.09 -13.74
N1 FAD C . -22.10 5.52 -3.02
C2 FAD C . -21.13 6.47 -2.85
O2 FAD C . -20.12 6.52 -3.60
N3 FAD C . -21.20 7.41 -1.89
C4 FAD C . -22.21 7.40 -0.98
O4 FAD C . -22.18 8.30 -0.10
C4X FAD C . -23.19 6.42 -1.10
N5 FAD C . -24.21 6.32 -0.19
C5X FAD C . -25.34 5.62 -0.53
C6 FAD C . -26.54 5.71 0.21
C7 FAD C . -27.68 5.04 -0.26
C7M FAD C . -28.96 5.14 0.52
C8 FAD C . -27.63 4.25 -1.39
C8M FAD C . -28.86 3.57 -1.91
C9 FAD C . -26.49 4.14 -2.19
C9A FAD C . -25.33 4.78 -1.73
N10 FAD C . -24.13 4.64 -2.45
C10 FAD C . -23.06 5.42 -2.07
C1' FAD C . -24.08 3.78 -3.64
C2' FAD C . -24.12 4.40 -5.00
O2' FAD C . -24.91 5.59 -4.96
C3' FAD C . -24.63 3.25 -5.96
O3' FAD C . -23.66 2.20 -5.91
C4' FAD C . -24.74 3.80 -7.38
O4' FAD C . -25.81 4.75 -7.34
C5' FAD C . -24.93 2.59 -8.34
O5' FAD C . -25.28 3.16 -9.60
P FAD C . -26.10 2.34 -10.69
O1P FAD C . -25.55 0.98 -10.74
O2P FAD C . -26.22 3.09 -11.93
O3P FAD C . -27.52 2.08 -9.97
C FMT D . -17.43 -17.93 -22.25
O1 FMT D . -18.08 -18.61 -21.45
O2 FMT D . -17.56 -16.61 -22.11
PA FAD E . 29.24 -1.28 8.96
O1A FAD E . 28.93 0.13 8.69
O2A FAD E . 29.81 -2.05 7.85
O5B FAD E . 30.31 -1.23 10.13
C5B FAD E . 31.04 -2.34 10.69
C4B FAD E . 32.43 -1.77 11.04
O4B FAD E . 33.09 -2.79 11.84
C3B FAD E . 33.40 -1.51 9.86
O3B FAD E . 33.92 -0.14 9.87
C2B FAD E . 34.47 -2.58 10.01
O2B FAD E . 35.78 -2.25 9.58
C1B FAD E . 34.46 -2.80 11.50
N9A FAD E . 35.01 -4.11 11.95
C8A FAD E . 34.62 -5.34 11.60
N7A FAD E . 35.31 -6.25 12.34
C5A FAD E . 36.09 -5.63 13.17
C6A FAD E . 36.94 -6.08 14.14
N6A FAD E . 37.14 -7.40 14.38
N1A FAD E . 37.65 -5.15 14.81
C2A FAD E . 37.48 -3.83 14.62
N3A FAD E . 36.59 -3.31 13.72
C4A FAD E . 35.94 -4.21 12.94
N1 FAD E . 22.91 1.66 2.56
C2 FAD E . 22.13 2.75 2.34
O2 FAD E . 21.22 3.07 3.13
N3 FAD E . 22.32 3.56 1.24
C4 FAD E . 23.24 3.25 0.29
O4 FAD E . 23.35 4.03 -0.71
C4X FAD E . 24.02 2.10 0.47
N5 FAD E . 24.92 1.71 -0.49
C5X FAD E . 25.90 0.83 -0.12
C6 FAD E . 26.98 0.60 -1.00
C7 FAD E . 28.01 -0.22 -0.55
C7M FAD E . 29.18 -0.44 -1.49
C8 FAD E . 27.96 -0.86 0.71
C8M FAD E . 29.05 -1.71 1.25
C9 FAD E . 26.86 -0.70 1.56
C9A FAD E . 25.83 0.15 1.17
N10 FAD E . 24.68 0.32 1.99
C10 FAD E . 23.80 1.28 1.59
C1' FAD E . 24.40 -0.34 3.29
C2' FAD E . 24.75 0.36 4.57
O2' FAD E . 25.83 1.28 4.32
C3' FAD E . 25.10 -0.70 5.59
O3' FAD E . 23.98 -1.57 5.71
C4' FAD E . 25.43 -0.10 6.94
O4' FAD E . 26.71 0.50 6.79
C5' FAD E . 25.58 -1.21 8.01
O5' FAD E . 26.03 -0.58 9.19
P FAD E . 26.73 -1.54 10.28
O1P FAD E . 25.89 -2.79 10.49
O2P FAD E . 27.14 -0.66 11.39
O3P FAD E . 28.04 -2.14 9.56
C FMT F . 31.95 -18.25 0.70
O1 FMT F . 31.55 -17.52 1.63
O2 FMT F . 33.26 -18.37 0.31
#